data_7W4X
#
_entry.id   7W4X
#
_cell.length_a   57.810
_cell.length_b   80.301
_cell.length_c   163.288
_cell.angle_alpha   90.000
_cell.angle_beta   90.000
_cell.angle_gamma   90.000
#
_symmetry.space_group_name_H-M   'P 21 21 21'
#
loop_
_entity.id
_entity.type
_entity.pdbx_description
1 polymer "cAMP-specific 3',5'-cyclic phosphodiesterase 4D"
2 non-polymer 'ZINC ION'
3 non-polymer 'MAGNESIUM ION'
4 non-polymer (2R,4S)-2-(2-hydroxyethyl)-2,6-dimethyl-4-(2-methylprop-1-enyl)-3,4-dihydropyrano[3,2-c][1,8]naphthyridin-5-one
5 water water
#
_entity_poly.entity_id   1
_entity_poly.type   'polypeptide(L)'
_entity_poly.pdbx_seq_one_letter_code
;SIPRFGVKTEQEDVLAKELEDVNKWGLHVFRIAELSGNRPLTVIMHTIFQERDLLKTFKIPVDTLITYLMTLEDHYHADV
AYHNNIHAADVVQSTHVLLSTPALEAVFTDLEILAAIFASAIHDVDHPGVSNQFLINTNSELALMYNDSSVLENHHLAVG
FKLLQEENCDIFQNLTKKQRQSLRKMVIDIVLATDMSKHMNLLADLKTMVETKKVTSSGVLLLDNYSDRIQVLQNMVHCA
DLSNPTKPLQLYRQWTDRIMEEFFRQGDRERERGMEISPMCDKHNASVEKSQVGFIDYIVHPLWETWADLVHPDAQDILD
TLEDNREWYQSTIPQSPSPAPDDPEEGRQGQTEKFQFELTLEEDGESDTEKDA
;
_entity_poly.pdbx_strand_id   A,B
#
loop_
_chem_comp.id
_chem_comp.type
_chem_comp.name
_chem_comp.formula
8G7 non-polymer (2R,4S)-2-(2-hydroxyethyl)-2,6-dimethyl-4-(2-methylprop-1-enyl)-3,4-dihydropyrano[3,2-c][1,8]naphthyridin-5-one 'C19 H24 N2 O3'
MG non-polymer 'MAGNESIUM ION' 'Mg 2'
ZN non-polymer 'ZINC ION' 'Zn 2'
#
# COMPACT_ATOMS: atom_id res chain seq x y z
N GLN A 11 -0.41 -10.44 45.12
CA GLN A 11 -0.47 -10.89 43.73
C GLN A 11 0.71 -10.33 42.94
N GLU A 12 1.28 -9.22 43.42
CA GLU A 12 2.45 -8.66 42.76
C GLU A 12 3.64 -9.60 42.82
N ASP A 13 3.73 -10.40 43.89
CA ASP A 13 4.84 -11.34 44.01
C ASP A 13 4.64 -12.54 43.07
N VAL A 14 3.40 -13.00 42.91
CA VAL A 14 3.13 -14.12 42.02
C VAL A 14 3.41 -13.73 40.57
N LEU A 15 3.07 -12.50 40.20
CA LEU A 15 3.32 -12.04 38.83
C LEU A 15 4.81 -11.92 38.55
N ALA A 16 5.57 -11.37 39.51
CA ALA A 16 7.00 -11.24 39.33
C ALA A 16 7.68 -12.59 39.17
N LYS A 17 7.15 -13.62 39.82
CA LYS A 17 7.71 -14.96 39.66
C LYS A 17 7.49 -15.49 38.25
N GLU A 18 6.29 -15.29 37.69
CA GLU A 18 6.02 -15.75 36.34
C GLU A 18 6.82 -14.97 35.30
N LEU A 19 7.07 -13.68 35.55
CA LEU A 19 7.82 -12.86 34.61
C LEU A 19 9.29 -13.27 34.52
N GLU A 20 9.77 -14.11 35.43
CA GLU A 20 11.14 -14.63 35.32
C GLU A 20 11.31 -15.58 34.15
N ASP A 21 10.22 -16.05 33.54
CA ASP A 21 10.27 -16.90 32.36
C ASP A 21 10.20 -16.10 31.06
N VAL A 22 10.41 -14.79 31.10
CA VAL A 22 10.22 -13.96 29.91
C VAL A 22 11.25 -14.27 28.84
N ASN A 23 12.39 -14.85 29.20
CA ASN A 23 13.40 -15.25 28.24
C ASN A 23 13.19 -16.66 27.71
N LYS A 24 12.10 -17.32 28.09
CA LYS A 24 11.88 -18.72 27.77
C LYS A 24 10.75 -18.86 26.76
N TRP A 25 10.95 -19.75 25.79
CA TRP A 25 9.88 -20.15 24.89
C TRP A 25 8.78 -20.85 25.66
N GLY A 26 7.53 -20.57 25.31
CA GLY A 26 6.42 -21.19 26.00
C GLY A 26 6.11 -20.59 27.36
N LEU A 27 6.45 -19.32 27.58
CA LEU A 27 5.95 -18.60 28.73
C LEU A 27 4.43 -18.71 28.80
N HIS A 28 3.90 -18.87 30.01
CA HIS A 28 2.45 -19.01 30.16
C HIS A 28 1.86 -17.60 30.12
N VAL A 29 1.52 -17.15 28.92
CA VAL A 29 1.05 -15.79 28.73
C VAL A 29 -0.39 -15.62 29.21
N PHE A 30 -1.17 -16.71 29.22
CA PHE A 30 -2.53 -16.62 29.74
C PHE A 30 -2.53 -16.44 31.25
N ARG A 31 -1.62 -17.13 31.95
CA ARG A 31 -1.50 -16.95 33.39
C ARG A 31 -1.01 -15.55 33.72
N ILE A 32 -0.13 -15.00 32.89
CA ILE A 32 0.35 -13.63 33.10
C ILE A 32 -0.77 -12.63 32.86
N ALA A 33 -1.65 -12.91 31.89
CA ALA A 33 -2.81 -12.04 31.68
C ALA A 33 -3.70 -12.02 32.91
N GLU A 34 -3.89 -13.17 33.56
CA GLU A 34 -4.67 -13.23 34.79
C GLU A 34 -3.98 -12.42 35.90
N LEU A 35 -2.73 -12.76 36.21
CA LEU A 35 -2.03 -12.17 37.34
C LEU A 35 -1.80 -10.68 37.18
N SER A 36 -1.78 -10.17 35.95
CA SER A 36 -1.54 -8.75 35.71
C SER A 36 -2.83 -7.95 35.57
N GLY A 37 -3.98 -8.58 35.78
CA GLY A 37 -5.24 -7.89 35.63
C GLY A 37 -5.54 -7.52 34.19
N ASN A 38 -5.44 -8.51 33.30
CA ASN A 38 -5.63 -8.32 31.86
C ASN A 38 -4.77 -7.19 31.32
N ARG A 39 -3.50 -7.16 31.75
CA ARG A 39 -2.50 -6.25 31.17
C ARG A 39 -1.24 -7.01 30.75
N PRO A 40 -1.37 -8.09 29.96
CA PRO A 40 -0.16 -8.83 29.58
C PRO A 40 0.76 -8.04 28.67
N LEU A 41 0.20 -7.29 27.71
CA LEU A 41 1.04 -6.52 26.80
C LEU A 41 1.85 -5.47 27.54
N THR A 42 1.24 -4.80 28.52
CA THR A 42 1.94 -3.72 29.22
C THR A 42 3.09 -4.28 30.08
N VAL A 43 2.82 -5.30 30.88
CA VAL A 43 3.85 -5.79 31.79
C VAL A 43 4.93 -6.58 31.04
N ILE A 44 4.58 -7.25 29.95
CA ILE A 44 5.57 -8.00 29.19
C ILE A 44 6.48 -7.05 28.42
N MET A 45 5.90 -6.01 27.81
CA MET A 45 6.71 -5.00 27.15
C MET A 45 7.63 -4.29 28.13
N HIS A 46 7.08 -3.88 29.28
CA HIS A 46 7.89 -3.21 30.30
C HIS A 46 9.02 -4.11 30.76
N THR A 47 8.72 -5.38 31.06
CA THR A 47 9.74 -6.32 31.49
C THR A 47 10.83 -6.47 30.43
N ILE A 48 10.44 -6.56 29.16
CA ILE A 48 11.41 -6.74 28.09
C ILE A 48 12.27 -5.51 27.91
N PHE A 49 11.67 -4.32 28.06
CA PHE A 49 12.43 -3.08 27.89
C PHE A 49 13.50 -2.93 28.97
N GLN A 50 13.21 -3.37 30.19
CA GLN A 50 14.22 -3.33 31.24
C GLN A 50 15.28 -4.40 31.02
N GLU A 51 14.85 -5.61 30.65
CA GLU A 51 15.79 -6.69 30.39
C GLU A 51 16.80 -6.30 29.31
N ARG A 52 16.32 -5.68 28.24
CA ARG A 52 17.20 -5.22 27.17
C ARG A 52 17.83 -3.87 27.48
N ASP A 53 17.53 -3.28 28.63
CA ASP A 53 18.03 -1.97 28.99
C ASP A 53 17.75 -0.99 27.85
N LEU A 54 16.49 -0.96 27.40
CA LEU A 54 16.08 -0.07 26.32
C LEU A 54 15.65 1.30 26.82
N LEU A 55 15.34 1.44 28.11
CA LEU A 55 14.93 2.73 28.63
C LEU A 55 16.09 3.71 28.73
N LYS A 56 17.26 3.24 29.17
CA LYS A 56 18.44 4.11 29.27
C LYS A 56 19.07 4.36 27.90
N THR A 57 19.08 3.34 27.04
CA THR A 57 19.69 3.47 25.71
C THR A 57 18.99 4.53 24.88
N PHE A 58 17.67 4.60 24.95
CA PHE A 58 16.89 5.54 24.15
C PHE A 58 16.22 6.62 25.00
N LYS A 59 16.63 6.76 26.27
CA LYS A 59 16.14 7.82 27.14
C LYS A 59 14.62 7.83 27.24
N ILE A 60 14.03 6.64 27.27
CA ILE A 60 12.57 6.51 27.35
C ILE A 60 12.14 6.73 28.78
N PRO A 61 11.37 7.78 29.08
CA PRO A 61 10.86 7.96 30.44
C PRO A 61 9.89 6.84 30.80
N VAL A 62 10.05 6.32 32.02
CA VAL A 62 9.30 5.11 32.40
C VAL A 62 7.81 5.39 32.45
N ASP A 63 7.40 6.61 32.82
CA ASP A 63 5.99 6.93 32.87
C ASP A 63 5.41 7.13 31.47
N THR A 64 6.22 7.59 30.52
CA THR A 64 5.77 7.67 29.13
C THR A 64 5.56 6.28 28.56
N LEU A 65 6.44 5.34 28.90
CA LEU A 65 6.32 3.98 28.38
C LEU A 65 5.05 3.31 28.89
N ILE A 66 4.80 3.38 30.20
CA ILE A 66 3.61 2.75 30.77
C ILE A 66 2.35 3.38 30.20
N THR A 67 2.36 4.70 30.01
CA THR A 67 1.18 5.39 29.50
C THR A 67 0.85 4.93 28.07
N TYR A 68 1.86 4.84 27.21
CA TYR A 68 1.62 4.39 25.85
C TYR A 68 1.17 2.93 25.82
N LEU A 69 1.85 2.07 26.56
CA LEU A 69 1.53 0.65 26.56
C LEU A 69 0.10 0.41 27.02
N MET A 70 -0.34 1.14 28.04
CA MET A 70 -1.74 1.00 28.49
C MET A 70 -2.71 1.49 27.42
N THR A 71 -2.38 2.58 26.73
CA THR A 71 -3.25 3.08 25.68
C THR A 71 -3.28 2.15 24.48
N LEU A 72 -2.11 1.63 24.08
CA LEU A 72 -2.05 0.68 22.98
C LEU A 72 -2.83 -0.59 23.33
N GLU A 73 -2.70 -1.07 24.56
CA GLU A 73 -3.42 -2.28 24.97
C GLU A 73 -4.92 -2.04 24.96
N ASP A 74 -5.36 -0.82 25.29
CA ASP A 74 -6.79 -0.52 25.29
C ASP A 74 -7.40 -0.63 23.90
N HIS A 75 -6.62 -0.31 22.86
CA HIS A 75 -7.16 -0.32 21.50
C HIS A 75 -7.15 -1.71 20.87
N TYR A 76 -6.67 -2.73 21.58
CA TYR A 76 -6.97 -4.11 21.21
C TYR A 76 -8.36 -4.47 21.75
N HIS A 77 -9.13 -5.17 20.93
CA HIS A 77 -10.50 -5.50 21.28
C HIS A 77 -10.51 -6.62 22.31
N ALA A 78 -11.16 -6.38 23.45
CA ALA A 78 -11.28 -7.40 24.49
C ALA A 78 -12.37 -8.42 24.17
N ASP A 79 -13.27 -8.11 23.24
CA ASP A 79 -14.35 -9.02 22.88
C ASP A 79 -14.04 -9.80 21.60
N VAL A 80 -12.78 -9.82 21.18
CA VAL A 80 -12.33 -10.65 20.06
C VAL A 80 -11.52 -11.80 20.64
N ALA A 81 -11.81 -13.02 20.19
CA ALA A 81 -11.35 -14.22 20.90
C ALA A 81 -9.84 -14.43 20.72
N TYR A 82 -9.32 -14.21 19.52
CA TYR A 82 -7.91 -14.47 19.24
C TYR A 82 -7.09 -13.19 19.11
N HIS A 83 -7.45 -12.31 18.18
CA HIS A 83 -6.63 -11.13 17.89
C HIS A 83 -6.86 -10.03 18.92
N ASN A 84 -6.49 -10.33 20.15
CA ASN A 84 -6.62 -9.41 21.28
C ASN A 84 -5.23 -9.11 21.86
N ASN A 85 -5.22 -8.50 23.05
CA ASN A 85 -3.97 -8.08 23.66
C ASN A 85 -3.13 -9.26 24.14
N ILE A 86 -3.75 -10.43 24.38
CA ILE A 86 -2.97 -11.60 24.76
C ILE A 86 -2.14 -12.08 23.56
N HIS A 87 -2.74 -12.07 22.37
CA HIS A 87 -1.98 -12.43 21.17
C HIS A 87 -0.85 -11.44 20.92
N ALA A 88 -1.11 -10.14 21.13
CA ALA A 88 -0.07 -9.14 20.96
C ALA A 88 1.08 -9.36 21.94
N ALA A 89 0.76 -9.64 23.20
CA ALA A 89 1.79 -9.92 24.19
C ALA A 89 2.54 -11.21 23.84
N ASP A 90 1.84 -12.19 23.27
CA ASP A 90 2.47 -13.45 22.91
C ASP A 90 3.48 -13.26 21.78
N VAL A 91 3.13 -12.44 20.79
CA VAL A 91 4.04 -12.22 19.66
C VAL A 91 5.23 -11.37 20.09
N VAL A 92 5.01 -10.41 20.98
CA VAL A 92 6.11 -9.60 21.50
C VAL A 92 7.12 -10.48 22.22
N GLN A 93 6.62 -11.38 23.09
CA GLN A 93 7.52 -12.20 23.89
C GLN A 93 8.21 -13.26 23.04
N SER A 94 7.50 -13.81 22.04
CA SER A 94 8.13 -14.78 21.16
C SER A 94 9.20 -14.14 20.29
N THR A 95 8.95 -12.91 19.81
CA THR A 95 9.97 -12.18 19.07
C THR A 95 11.18 -11.89 19.94
N HIS A 96 10.94 -11.54 21.21
CA HIS A 96 12.02 -11.26 22.14
C HIS A 96 12.95 -12.46 22.30
N VAL A 97 12.38 -13.66 22.38
CA VAL A 97 13.20 -14.87 22.51
C VAL A 97 13.95 -15.15 21.21
N LEU A 98 13.29 -14.96 20.06
CA LEU A 98 13.95 -15.20 18.78
C LEU A 98 15.08 -14.22 18.54
N LEU A 99 14.98 -13.01 19.10
CA LEU A 99 16.06 -12.04 18.96
C LEU A 99 17.31 -12.48 19.72
N SER A 100 17.14 -13.25 20.80
CA SER A 100 18.24 -13.65 21.66
C SER A 100 18.93 -14.91 21.20
N THR A 101 18.59 -15.43 20.03
CA THR A 101 19.13 -16.71 19.60
C THR A 101 20.63 -16.57 19.32
N PRO A 102 21.43 -17.59 19.66
CA PRO A 102 22.90 -17.47 19.50
C PRO A 102 23.35 -17.11 18.10
N ALA A 103 22.70 -17.64 17.05
CA ALA A 103 23.12 -17.37 15.69
C ALA A 103 22.91 -15.92 15.28
N LEU A 104 22.25 -15.11 16.11
CA LEU A 104 22.00 -13.70 15.80
C LEU A 104 22.63 -12.77 16.83
N GLU A 105 23.59 -13.27 17.61
CA GLU A 105 24.18 -12.47 18.67
C GLU A 105 24.94 -11.29 18.08
N ALA A 106 24.59 -10.07 18.53
CA ALA A 106 25.21 -8.82 18.12
C ALA A 106 25.02 -8.54 16.63
N VAL A 107 24.05 -9.17 15.97
CA VAL A 107 23.79 -8.88 14.57
C VAL A 107 23.05 -7.57 14.41
N PHE A 108 21.98 -7.39 15.18
CA PHE A 108 21.08 -6.25 15.02
C PHE A 108 21.44 -5.16 16.01
N THR A 109 21.34 -3.91 15.54
CA THR A 109 21.58 -2.76 16.39
C THR A 109 20.45 -2.62 17.42
N ASP A 110 20.65 -1.68 18.35
CA ASP A 110 19.62 -1.40 19.35
C ASP A 110 18.38 -0.78 18.74
N LEU A 111 18.51 -0.12 17.58
CA LEU A 111 17.35 0.47 16.92
C LEU A 111 16.53 -0.58 16.18
N GLU A 112 17.21 -1.53 15.52
CA GLU A 112 16.50 -2.63 14.88
C GLU A 112 15.82 -3.52 15.91
N ILE A 113 16.46 -3.72 17.06
CA ILE A 113 15.84 -4.48 18.15
C ILE A 113 14.59 -3.77 18.64
N LEU A 114 14.69 -2.45 18.84
CA LEU A 114 13.53 -1.68 19.28
C LEU A 114 12.41 -1.69 18.24
N ALA A 115 12.78 -1.65 16.96
CA ALA A 115 11.77 -1.64 15.90
C ALA A 115 11.02 -2.97 15.85
N ALA A 116 11.76 -4.09 15.91
CA ALA A 116 11.12 -5.40 15.83
C ALA A 116 10.17 -5.63 16.98
N ILE A 117 10.54 -5.20 18.19
CA ILE A 117 9.69 -5.40 19.35
C ILE A 117 8.48 -4.47 19.31
N PHE A 118 8.70 -3.21 18.94
CA PHE A 118 7.59 -2.28 18.80
C PHE A 118 6.61 -2.73 17.72
N ALA A 119 7.14 -3.24 16.60
CA ALA A 119 6.27 -3.74 15.54
C ALA A 119 5.39 -4.88 16.03
N SER A 120 5.98 -5.80 16.81
CA SER A 120 5.20 -6.92 17.33
C SER A 120 4.07 -6.44 18.23
N ALA A 121 4.30 -5.36 18.98
CA ALA A 121 3.30 -4.90 19.93
C ALA A 121 2.09 -4.29 19.23
N ILE A 122 2.31 -3.60 18.11
CA ILE A 122 1.23 -2.91 17.40
C ILE A 122 0.70 -3.72 16.23
N HIS A 123 1.26 -4.90 15.94
CA HIS A 123 1.05 -5.54 14.65
C HIS A 123 -0.39 -5.97 14.41
N ASP A 124 -1.26 -5.98 15.43
CA ASP A 124 -2.64 -6.37 15.25
C ASP A 124 -3.62 -5.43 15.96
N VAL A 125 -3.18 -4.20 16.30
CA VAL A 125 -4.00 -3.33 17.13
C VAL A 125 -5.28 -2.95 16.37
N ASP A 126 -6.39 -2.93 17.12
CA ASP A 126 -7.72 -2.62 16.59
C ASP A 126 -8.17 -3.65 15.56
N HIS A 127 -7.78 -4.89 15.74
CA HIS A 127 -8.24 -5.97 14.87
C HIS A 127 -9.70 -6.27 15.17
N PRO A 128 -10.61 -6.21 14.18
CA PRO A 128 -12.03 -6.43 14.45
C PRO A 128 -12.45 -7.89 14.50
N GLY A 129 -11.53 -8.84 14.30
CA GLY A 129 -11.87 -10.24 14.36
C GLY A 129 -12.32 -10.86 13.05
N VAL A 130 -12.17 -10.17 11.93
CA VAL A 130 -12.51 -10.71 10.62
C VAL A 130 -11.31 -10.49 9.69
N SER A 131 -11.31 -11.25 8.60
CA SER A 131 -10.15 -11.29 7.72
C SER A 131 -10.20 -10.15 6.71
N ASN A 132 -9.07 -9.98 6.00
CA ASN A 132 -8.99 -8.99 4.93
C ASN A 132 -10.05 -9.25 3.87
N GLN A 133 -10.19 -10.52 3.46
CA GLN A 133 -11.13 -10.84 2.39
C GLN A 133 -12.56 -10.54 2.79
N PHE A 134 -12.90 -10.76 4.06
CA PHE A 134 -14.22 -10.39 4.55
C PHE A 134 -14.44 -8.88 4.47
N LEU A 135 -13.45 -8.11 4.91
CA LEU A 135 -13.56 -6.66 4.84
C LEU A 135 -13.64 -6.17 3.41
N ILE A 136 -12.97 -6.86 2.48
CA ILE A 136 -13.08 -6.51 1.06
C ILE A 136 -14.45 -6.91 0.51
N ASN A 137 -14.87 -8.14 0.79
CA ASN A 137 -16.12 -8.65 0.21
C ASN A 137 -17.34 -7.89 0.71
N THR A 138 -17.26 -7.32 1.93
CA THR A 138 -18.40 -6.64 2.52
C THR A 138 -18.36 -5.13 2.33
N ASN A 139 -17.45 -4.62 1.51
CA ASN A 139 -17.37 -3.20 1.17
C ASN A 139 -17.21 -2.34 2.42
N SER A 140 -16.37 -2.79 3.34
CA SER A 140 -16.18 -2.10 4.60
C SER A 140 -15.46 -0.78 4.39
N GLU A 141 -15.52 0.08 5.42
CA GLU A 141 -14.82 1.36 5.36
C GLU A 141 -13.31 1.17 5.30
N LEU A 142 -12.81 0.16 6.01
CA LEU A 142 -11.37 -0.09 6.02
C LEU A 142 -10.87 -0.47 4.64
N ALA A 143 -11.56 -1.40 3.97
CA ALA A 143 -11.17 -1.78 2.62
C ALA A 143 -11.30 -0.61 1.65
N LEU A 144 -12.25 0.30 1.91
CA LEU A 144 -12.38 1.48 1.08
C LEU A 144 -11.22 2.44 1.29
N MET A 145 -10.81 2.62 2.55
CA MET A 145 -9.71 3.53 2.86
C MET A 145 -8.40 3.06 2.24
N TYR A 146 -8.16 1.74 2.24
CA TYR A 146 -6.87 1.20 1.88
C TYR A 146 -6.87 0.43 0.56
N ASN A 147 -7.93 0.55 -0.23
CA ASN A 147 -7.96 0.07 -1.61
C ASN A 147 -7.64 -1.43 -1.70
N ASP A 148 -8.18 -2.19 -0.75
CA ASP A 148 -8.15 -3.66 -0.74
C ASP A 148 -6.75 -4.25 -0.60
N SER A 149 -5.75 -3.44 -0.25
CA SER A 149 -4.37 -3.90 -0.19
C SER A 149 -3.87 -3.83 1.25
N SER A 150 -3.59 -4.99 1.84
CA SER A 150 -3.12 -5.11 3.22
C SER A 150 -3.95 -4.23 4.15
N VAL A 151 -5.26 -4.44 4.10
CA VAL A 151 -6.20 -3.52 4.75
C VAL A 151 -5.99 -3.51 6.26
N LEU A 152 -6.01 -4.68 6.88
CA LEU A 152 -5.80 -4.76 8.33
C LEU A 152 -4.43 -4.25 8.72
N GLU A 153 -3.40 -4.70 8.00
CA GLU A 153 -2.02 -4.40 8.39
C GLU A 153 -1.72 -2.92 8.26
N ASN A 154 -2.26 -2.27 7.21
CA ASN A 154 -2.13 -0.82 7.12
C ASN A 154 -2.82 -0.13 8.29
N HIS A 155 -3.99 -0.65 8.71
CA HIS A 155 -4.72 -0.04 9.80
C HIS A 155 -3.99 -0.19 11.13
N HIS A 156 -3.44 -1.38 11.39
CA HIS A 156 -2.66 -1.59 12.62
C HIS A 156 -1.53 -0.58 12.73
N LEU A 157 -0.80 -0.37 11.64
CA LEU A 157 0.30 0.59 11.65
C LEU A 157 -0.19 2.00 11.92
N ALA A 158 -1.27 2.41 11.23
CA ALA A 158 -1.79 3.76 11.41
C ALA A 158 -2.20 4.02 12.84
N VAL A 159 -2.86 3.06 13.48
CA VAL A 159 -3.28 3.23 14.87
C VAL A 159 -2.07 3.26 15.79
N GLY A 160 -1.14 2.32 15.58
CA GLY A 160 0.01 2.20 16.48
C GLY A 160 0.87 3.45 16.49
N PHE A 161 1.01 4.10 15.33
CA PHE A 161 1.82 5.33 15.28
C PHE A 161 1.04 6.54 15.78
N LYS A 162 -0.26 6.61 15.49
CA LYS A 162 -1.06 7.76 15.92
C LYS A 162 -1.14 7.86 17.43
N LEU A 163 -1.16 6.72 18.13
CA LEU A 163 -1.27 6.75 19.59
C LEU A 163 -0.03 7.34 20.25
N LEU A 164 1.08 7.42 19.53
CA LEU A 164 2.27 8.10 20.06
C LEU A 164 2.01 9.58 20.30
N GLN A 165 1.02 10.16 19.63
CA GLN A 165 0.71 11.57 19.74
C GLN A 165 -0.25 11.88 20.87
N GLU A 166 -0.73 10.88 21.59
CA GLU A 166 -1.57 11.12 22.76
C GLU A 166 -0.71 11.65 23.91
N GLU A 167 -1.40 12.13 24.95
CA GLU A 167 -0.72 12.83 26.03
C GLU A 167 0.28 11.92 26.74
N ASN A 168 1.54 12.36 26.79
CA ASN A 168 2.62 11.64 27.46
C ASN A 168 2.75 10.22 26.91
N CYS A 169 2.64 10.07 25.59
CA CYS A 169 2.68 8.76 24.95
C CYS A 169 3.79 8.59 23.93
N ASP A 170 4.52 9.64 23.60
CA ASP A 170 5.59 9.52 22.59
C ASP A 170 6.83 8.92 23.25
N ILE A 171 6.93 7.60 23.20
CA ILE A 171 8.07 6.90 23.77
C ILE A 171 9.33 7.07 22.94
N PHE A 172 9.23 7.65 21.75
CA PHE A 172 10.38 7.92 20.89
C PHE A 172 10.78 9.40 20.92
N GLN A 173 10.44 10.11 21.99
CA GLN A 173 10.63 11.56 22.01
C GLN A 173 12.10 11.97 22.06
N ASN A 174 12.99 11.10 22.55
CA ASN A 174 14.39 11.42 22.70
C ASN A 174 15.26 10.73 21.66
N LEU A 175 14.66 10.12 20.64
CA LEU A 175 15.43 9.62 19.51
C LEU A 175 15.75 10.77 18.56
N THR A 176 16.88 10.64 17.86
CA THR A 176 17.19 11.62 16.84
C THR A 176 16.21 11.49 15.67
N LYS A 177 16.06 12.58 14.91
CA LYS A 177 15.19 12.55 13.74
C LYS A 177 15.62 11.48 12.76
N LYS A 178 16.94 11.26 12.63
CA LYS A 178 17.43 10.13 11.84
C LYS A 178 16.91 8.82 12.42
N GLN A 179 17.00 8.66 13.74
CA GLN A 179 16.60 7.39 14.37
C GLN A 179 15.12 7.13 14.20
N ARG A 180 14.29 8.16 14.43
CA ARG A 180 12.85 8.00 14.24
C ARG A 180 12.52 7.68 12.79
N GLN A 181 13.24 8.30 11.85
CA GLN A 181 13.01 8.04 10.43
C GLN A 181 13.32 6.59 10.08
N SER A 182 14.44 6.06 10.60
CA SER A 182 14.82 4.69 10.30
C SER A 182 13.88 3.69 10.97
N LEU A 183 13.51 3.95 12.23
CA LEU A 183 12.63 3.02 12.93
C LEU A 183 11.26 2.95 12.27
N ARG A 184 10.71 4.10 11.88
CA ARG A 184 9.38 4.11 11.28
C ARG A 184 9.34 3.27 10.01
N LYS A 185 10.35 3.40 9.15
CA LYS A 185 10.39 2.59 7.94
C LYS A 185 10.52 1.11 8.26
N MET A 186 11.36 0.77 9.24
CA MET A 186 11.54 -0.64 9.60
C MET A 186 10.27 -1.23 10.19
N VAL A 187 9.55 -0.46 11.01
CA VAL A 187 8.32 -0.95 11.60
C VAL A 187 7.26 -1.17 10.52
N ILE A 188 7.15 -0.24 9.57
CA ILE A 188 6.19 -0.39 8.49
C ILE A 188 6.51 -1.62 7.65
N ASP A 189 7.78 -1.79 7.27
CA ASP A 189 8.18 -2.95 6.48
C ASP A 189 7.87 -4.27 7.20
N ILE A 190 7.98 -4.28 8.52
CA ILE A 190 7.78 -5.52 9.26
C ILE A 190 6.30 -5.86 9.38
N VAL A 191 5.48 -4.89 9.80
CA VAL A 191 4.06 -5.17 10.04
C VAL A 191 3.36 -5.49 8.72
N LEU A 192 3.70 -4.79 7.64
CA LEU A 192 3.10 -5.09 6.35
C LEU A 192 3.42 -6.52 5.91
N ALA A 193 4.53 -7.08 6.39
CA ALA A 193 4.91 -8.44 6.03
C ALA A 193 4.14 -9.50 6.80
N THR A 194 3.33 -9.11 7.79
CA THR A 194 2.49 -10.07 8.49
C THR A 194 1.19 -10.37 7.76
N ASP A 195 0.93 -9.70 6.64
CA ASP A 195 -0.19 -10.05 5.78
C ASP A 195 -0.02 -11.47 5.27
N MET A 196 -0.97 -12.35 5.64
CA MET A 196 -0.84 -13.76 5.28
C MET A 196 -0.81 -13.99 3.78
N SER A 197 -1.34 -13.07 2.98
CA SER A 197 -1.26 -13.20 1.54
C SER A 197 0.16 -13.03 1.01
N LYS A 198 1.12 -12.67 1.86
CA LYS A 198 2.51 -12.55 1.48
C LYS A 198 3.37 -13.68 2.03
N HIS A 199 2.75 -14.69 2.64
CA HIS A 199 3.51 -15.76 3.28
C HIS A 199 4.38 -16.51 2.28
N MET A 200 3.83 -16.84 1.11
CA MET A 200 4.58 -17.63 0.14
C MET A 200 5.81 -16.89 -0.36
N ASN A 201 5.66 -15.61 -0.70
CA ASN A 201 6.81 -14.83 -1.15
C ASN A 201 7.82 -14.64 -0.02
N LEU A 202 7.34 -14.48 1.21
CA LEU A 202 8.23 -14.32 2.35
C LEU A 202 9.03 -15.60 2.61
N LEU A 203 8.38 -16.75 2.52
CA LEU A 203 9.07 -18.02 2.73
C LEU A 203 10.03 -18.32 1.58
N ALA A 204 9.63 -18.00 0.35
CA ALA A 204 10.50 -18.25 -0.80
C ALA A 204 11.80 -17.47 -0.69
N ASP A 205 11.73 -16.21 -0.25
CA ASP A 205 12.94 -15.43 -0.06
C ASP A 205 13.76 -15.95 1.11
N LEU A 206 13.09 -16.45 2.16
CA LEU A 206 13.82 -17.01 3.30
C LEU A 206 14.58 -18.27 2.92
N LYS A 207 14.00 -19.08 2.02
CA LYS A 207 14.71 -20.26 1.55
C LYS A 207 15.94 -19.89 0.73
N THR A 208 15.82 -18.86 -0.12
CA THR A 208 16.97 -18.40 -0.89
C THR A 208 18.10 -17.96 0.02
N MET A 209 17.77 -17.34 1.16
CA MET A 209 18.80 -16.90 2.09
C MET A 209 19.46 -18.09 2.79
N VAL A 210 18.66 -19.11 3.14
CA VAL A 210 19.23 -20.31 3.76
C VAL A 210 20.18 -20.99 2.78
N GLU A 211 19.82 -21.02 1.49
CA GLU A 211 20.68 -21.65 0.50
C GLU A 211 21.99 -20.88 0.34
N THR A 212 21.92 -19.55 0.34
CA THR A 212 23.10 -18.70 0.20
C THR A 212 23.58 -18.17 1.55
N LYS A 213 23.45 -18.97 2.60
CA LYS A 213 23.76 -18.53 3.96
C LYS A 213 25.23 -18.16 4.10
N LYS A 214 25.49 -17.09 4.86
CA LYS A 214 26.85 -16.66 5.15
C LYS A 214 26.97 -16.27 6.61
N VAL A 215 28.08 -16.66 7.23
CA VAL A 215 28.32 -16.42 8.65
C VAL A 215 29.60 -15.60 8.80
N THR A 216 29.77 -15.05 10.00
CA THR A 216 30.98 -14.30 10.34
C THR A 216 32.02 -15.24 10.94
N SER A 217 33.19 -14.67 11.26
CA SER A 217 34.25 -15.47 11.86
C SER A 217 33.89 -15.97 13.25
N SER A 218 32.94 -15.33 13.92
CA SER A 218 32.44 -15.79 15.21
C SER A 218 31.29 -16.77 15.07
N GLY A 219 31.03 -17.27 13.87
CA GLY A 219 29.96 -18.23 13.65
C GLY A 219 28.57 -17.64 13.73
N VAL A 220 28.41 -16.37 13.34
CA VAL A 220 27.18 -15.63 13.56
C VAL A 220 26.69 -15.08 12.22
N LEU A 221 25.38 -15.06 12.04
CA LEU A 221 24.78 -14.75 10.74
C LEU A 221 25.20 -13.38 10.24
N LEU A 222 25.62 -13.33 8.98
CA LEU A 222 26.16 -12.12 8.35
C LEU A 222 25.08 -11.49 7.47
N LEU A 223 24.76 -10.22 7.73
CA LEU A 223 23.74 -9.49 6.99
C LEU A 223 24.33 -8.18 6.51
N ASP A 224 24.58 -8.08 5.20
CA ASP A 224 25.35 -6.98 4.63
C ASP A 224 24.53 -5.69 4.52
N ASN A 225 23.26 -5.79 4.16
CA ASN A 225 22.50 -4.66 3.64
C ASN A 225 21.13 -4.62 4.29
N TYR A 226 20.39 -3.54 4.01
CA TYR A 226 19.06 -3.39 4.58
C TYR A 226 18.11 -4.47 4.09
N SER A 227 18.26 -4.89 2.83
CA SER A 227 17.32 -5.87 2.27
C SER A 227 17.39 -7.18 3.03
N ASP A 228 18.60 -7.66 3.33
CA ASP A 228 18.74 -8.91 4.08
C ASP A 228 18.36 -8.73 5.54
N ARG A 229 18.70 -7.59 6.13
CA ARG A 229 18.43 -7.37 7.54
C ARG A 229 16.93 -7.25 7.80
N ILE A 230 16.23 -6.44 7.00
CA ILE A 230 14.79 -6.30 7.20
C ILE A 230 14.08 -7.60 6.83
N GLN A 231 14.65 -8.38 5.91
CA GLN A 231 14.04 -9.66 5.54
C GLN A 231 14.07 -10.64 6.71
N VAL A 232 15.17 -10.65 7.47
CA VAL A 232 15.25 -11.52 8.64
C VAL A 232 14.29 -11.04 9.72
N LEU A 233 14.19 -9.73 9.91
CA LEU A 233 13.25 -9.20 10.89
C LEU A 233 11.81 -9.44 10.50
N GLN A 234 11.51 -9.40 9.19
CA GLN A 234 10.15 -9.67 8.73
C GLN A 234 9.76 -11.12 9.02
N ASN A 235 10.62 -12.07 8.65
CA ASN A 235 10.32 -13.48 8.89
C ASN A 235 10.33 -13.82 10.38
N MET A 236 11.12 -13.09 11.18
CA MET A 236 11.15 -13.36 12.62
C MET A 236 9.81 -13.04 13.26
N VAL A 237 9.27 -11.85 12.99
CA VAL A 237 7.97 -11.48 13.52
C VAL A 237 6.87 -12.33 12.89
N HIS A 238 7.04 -12.73 11.63
CA HIS A 238 6.09 -13.64 10.99
C HIS A 238 6.11 -15.01 11.65
N CYS A 239 7.29 -15.48 12.05
CA CYS A 239 7.37 -16.75 12.76
C CYS A 239 6.73 -16.66 14.14
N ALA A 240 6.93 -15.53 14.83
CA ALA A 240 6.29 -15.35 16.13
C ALA A 240 4.77 -15.26 15.99
N ASP A 241 4.30 -14.66 14.90
CA ASP A 241 2.87 -14.59 14.65
C ASP A 241 2.28 -15.98 14.43
N LEU A 242 3.03 -16.87 13.78
CA LEU A 242 2.60 -18.24 13.51
C LEU A 242 3.27 -19.24 14.45
N SER A 243 3.41 -18.90 15.73
CA SER A 243 4.16 -19.73 16.66
C SER A 243 3.29 -20.56 17.60
N ASN A 244 1.96 -20.40 17.55
CA ASN A 244 1.08 -21.17 18.43
C ASN A 244 1.34 -22.67 18.40
N PRO A 245 1.45 -23.33 17.24
CA PRO A 245 1.65 -24.80 17.26
C PRO A 245 3.04 -25.24 17.71
N THR A 246 3.98 -24.32 17.90
CA THR A 246 5.30 -24.65 18.42
C THR A 246 5.38 -24.55 19.94
N LYS A 247 4.31 -24.13 20.59
CA LYS A 247 4.27 -23.96 22.03
C LYS A 247 3.78 -25.23 22.71
N PRO A 248 4.00 -25.37 24.02
CA PRO A 248 3.44 -26.52 24.75
C PRO A 248 1.96 -26.68 24.48
N LEU A 249 1.50 -27.94 24.48
CA LEU A 249 0.18 -28.26 23.96
C LEU A 249 -0.92 -27.55 24.72
N GLN A 250 -0.78 -27.39 26.04
CA GLN A 250 -1.82 -26.73 26.82
C GLN A 250 -1.99 -25.27 26.43
N LEU A 251 -0.95 -24.65 25.88
CA LEU A 251 -1.08 -23.29 25.33
C LEU A 251 -1.60 -23.34 23.90
N TYR A 252 -1.06 -24.25 23.09
CA TYR A 252 -1.47 -24.40 21.70
C TYR A 252 -2.98 -24.60 21.59
N ARG A 253 -3.54 -25.50 22.41
CA ARG A 253 -4.95 -25.82 22.30
C ARG A 253 -5.82 -24.61 22.63
N GLN A 254 -5.38 -23.78 23.58
CA GLN A 254 -6.15 -22.57 23.89
C GLN A 254 -6.14 -21.60 22.72
N TRP A 255 -5.01 -21.48 22.03
CA TRP A 255 -4.98 -20.62 20.84
C TRP A 255 -5.87 -21.18 19.73
N THR A 256 -5.90 -22.51 19.60
CA THR A 256 -6.77 -23.12 18.59
C THR A 256 -8.24 -22.87 18.90
N ASP A 257 -8.63 -23.02 20.16
CA ASP A 257 -10.01 -22.74 20.55
C ASP A 257 -10.39 -21.30 20.25
N ARG A 258 -9.46 -20.37 20.42
CA ARG A 258 -9.76 -18.96 20.24
C ARG A 258 -9.89 -18.58 18.76
N ILE A 259 -9.02 -19.13 17.90
CA ILE A 259 -9.11 -18.78 16.49
C ILE A 259 -10.32 -19.45 15.85
N MET A 260 -10.71 -20.64 16.33
CA MET A 260 -11.89 -21.29 15.78
C MET A 260 -13.17 -20.55 16.17
N GLU A 261 -13.21 -20.02 17.39
CA GLU A 261 -14.34 -19.17 17.77
C GLU A 261 -14.42 -17.94 16.89
N GLU A 262 -13.27 -17.32 16.58
CA GLU A 262 -13.26 -16.16 15.72
C GLU A 262 -13.65 -16.52 14.29
N PHE A 263 -13.16 -17.65 13.79
CA PHE A 263 -13.55 -18.09 12.46
C PHE A 263 -15.04 -18.39 12.39
N PHE A 264 -15.57 -19.09 13.40
CA PHE A 264 -17.00 -19.41 13.42
C PHE A 264 -17.86 -18.16 13.42
N ARG A 265 -17.41 -17.13 14.14
CA ARG A 265 -18.18 -15.88 14.21
C ARG A 265 -18.20 -15.17 12.87
N GLN A 266 -17.09 -15.20 12.14
CA GLN A 266 -17.08 -14.64 10.79
C GLN A 266 -17.99 -15.44 9.88
N GLY A 267 -18.00 -16.76 10.00
CA GLY A 267 -18.87 -17.58 9.18
C GLY A 267 -20.34 -17.29 9.44
N ASP A 268 -20.70 -16.99 10.68
CA ASP A 268 -22.09 -16.63 10.98
C ASP A 268 -22.46 -15.30 10.34
N ARG A 269 -21.55 -14.33 10.34
CA ARG A 269 -21.79 -13.08 9.62
C ARG A 269 -21.85 -13.32 8.11
N GLU A 270 -21.01 -14.21 7.61
CA GLU A 270 -21.04 -14.54 6.18
C GLU A 270 -22.36 -15.23 5.82
N ARG A 271 -22.81 -16.17 6.65
CA ARG A 271 -24.07 -16.86 6.39
C ARG A 271 -25.25 -15.89 6.50
N GLU A 272 -25.24 -15.03 7.51
CA GLU A 272 -26.34 -14.08 7.69
C GLU A 272 -26.45 -13.12 6.51
N ARG A 273 -25.33 -12.77 5.88
CA ARG A 273 -25.34 -11.87 4.74
C ARG A 273 -25.63 -12.57 3.42
N GLY A 274 -25.74 -13.89 3.41
CA GLY A 274 -25.92 -14.62 2.18
C GLY A 274 -24.66 -14.87 1.40
N MET A 275 -23.50 -14.73 2.04
CA MET A 275 -22.22 -14.93 1.38
C MET A 275 -21.77 -16.39 1.51
N GLU A 276 -20.85 -16.77 0.63
CA GLU A 276 -20.22 -18.08 0.73
C GLU A 276 -19.32 -18.13 1.96
N ILE A 277 -19.41 -19.23 2.70
CA ILE A 277 -18.65 -19.34 3.95
C ILE A 277 -17.18 -19.59 3.62
N SER A 278 -16.30 -18.86 4.31
CA SER A 278 -14.88 -19.02 4.13
C SER A 278 -14.41 -20.36 4.70
N PRO A 279 -13.25 -20.86 4.26
CA PRO A 279 -12.72 -22.10 4.82
C PRO A 279 -12.60 -22.03 6.34
N MET A 280 -12.90 -23.14 7.00
CA MET A 280 -12.80 -23.32 8.45
C MET A 280 -13.78 -22.45 9.24
N CYS A 281 -14.68 -21.72 8.56
CA CYS A 281 -15.56 -20.78 9.23
C CYS A 281 -16.99 -21.30 9.40
N ASP A 282 -17.34 -22.42 8.77
CA ASP A 282 -18.68 -23.00 8.92
C ASP A 282 -18.67 -23.90 10.15
N LYS A 283 -19.35 -23.46 11.22
CA LYS A 283 -19.39 -24.24 12.44
C LYS A 283 -20.19 -25.53 12.28
N HIS A 284 -21.05 -25.62 11.27
CA HIS A 284 -21.84 -26.84 11.06
C HIS A 284 -21.08 -27.90 10.29
N ASN A 285 -20.00 -27.53 9.59
CA ASN A 285 -19.18 -28.48 8.83
C ASN A 285 -17.71 -28.07 8.96
N ALA A 286 -17.22 -28.07 10.20
CA ALA A 286 -15.82 -27.75 10.46
C ALA A 286 -15.12 -28.98 11.03
N SER A 287 -13.87 -29.17 10.64
CA SER A 287 -13.01 -30.20 11.20
C SER A 287 -11.80 -29.48 11.80
N VAL A 288 -11.83 -29.30 13.12
CA VAL A 288 -10.77 -28.54 13.79
C VAL A 288 -9.45 -29.29 13.72
N GLU A 289 -9.49 -30.60 13.96
CA GLU A 289 -8.25 -31.39 14.01
C GLU A 289 -7.58 -31.43 12.64
N LYS A 290 -8.35 -31.70 11.58
CA LYS A 290 -7.78 -31.76 10.25
C LYS A 290 -7.30 -30.39 9.78
N SER A 291 -7.93 -29.32 10.25
CA SER A 291 -7.47 -27.98 9.89
C SER A 291 -6.12 -27.67 10.52
N GLN A 292 -5.92 -28.09 11.75
CA GLN A 292 -4.68 -27.88 12.46
C GLN A 292 -3.54 -28.64 11.78
N VAL A 293 -3.82 -29.85 11.29
CA VAL A 293 -2.87 -30.69 10.61
C VAL A 293 -2.49 -30.07 9.29
N GLY A 294 -3.46 -29.60 8.54
CA GLY A 294 -3.18 -28.89 7.32
C GLY A 294 -2.50 -27.55 7.56
N PHE A 295 -2.83 -26.89 8.66
CA PHE A 295 -2.18 -25.63 9.01
C PHE A 295 -0.69 -25.85 9.28
N ILE A 296 -0.35 -26.94 9.95
CA ILE A 296 1.06 -27.22 10.25
C ILE A 296 1.78 -27.71 9.01
N ASP A 297 1.18 -28.66 8.28
CA ASP A 297 1.88 -29.30 7.16
C ASP A 297 2.16 -28.31 6.03
N TYR A 298 1.20 -27.43 5.71
CA TYR A 298 1.31 -26.59 4.54
C TYR A 298 1.81 -25.17 4.84
N ILE A 299 1.82 -24.76 6.11
CA ILE A 299 2.18 -23.38 6.43
C ILE A 299 3.23 -23.31 7.52
N VAL A 300 2.91 -23.82 8.72
CA VAL A 300 3.72 -23.54 9.90
C VAL A 300 5.03 -24.33 9.86
N HIS A 301 4.97 -25.62 9.56
CA HIS A 301 6.20 -26.42 9.56
C HIS A 301 7.16 -26.01 8.44
N PRO A 302 6.71 -25.80 7.19
CA PRO A 302 7.66 -25.31 6.18
C PRO A 302 8.34 -24.01 6.58
N LEU A 303 7.61 -23.11 7.24
CA LEU A 303 8.19 -21.84 7.67
C LEU A 303 9.23 -22.06 8.78
N TRP A 304 8.86 -22.80 9.82
CA TRP A 304 9.76 -22.99 10.96
C TRP A 304 10.92 -23.91 10.62
N GLU A 305 10.71 -24.88 9.72
CA GLU A 305 11.83 -25.70 9.26
C GLU A 305 12.87 -24.85 8.54
N THR A 306 12.41 -23.86 7.77
CA THR A 306 13.34 -22.97 7.08
C THR A 306 14.05 -22.04 8.07
N TRP A 307 13.31 -21.50 9.05
CA TRP A 307 13.94 -20.68 10.07
C TRP A 307 14.95 -21.48 10.88
N ALA A 308 14.62 -22.74 11.17
CA ALA A 308 15.55 -23.58 11.92
C ALA A 308 16.84 -23.80 11.15
N ASP A 309 16.75 -23.91 9.81
CA ASP A 309 17.96 -24.00 9.01
C ASP A 309 18.77 -22.72 9.05
N LEU A 310 18.11 -21.57 9.18
CA LEU A 310 18.83 -20.30 9.21
C LEU A 310 19.63 -20.14 10.50
N VAL A 311 19.09 -20.63 11.62
CA VAL A 311 19.73 -20.43 12.91
C VAL A 311 20.13 -21.76 13.52
N HIS A 312 20.36 -22.77 12.69
CA HIS A 312 20.73 -24.10 13.15
C HIS A 312 21.96 -24.05 14.04
N PRO A 313 21.93 -24.77 15.18
CA PRO A 313 20.84 -25.63 15.66
C PRO A 313 19.98 -24.99 16.75
N ASP A 314 19.93 -23.66 16.79
CA ASP A 314 19.35 -22.96 17.93
C ASP A 314 17.87 -23.28 18.12
N ALA A 315 17.15 -23.59 17.04
CA ALA A 315 15.70 -23.72 17.09
C ALA A 315 15.24 -25.18 17.05
N GLN A 316 16.10 -26.13 17.43
CA GLN A 316 15.74 -27.53 17.29
C GLN A 316 14.65 -27.94 18.28
N ASP A 317 14.70 -27.43 19.50
CA ASP A 317 13.70 -27.80 20.50
C ASP A 317 12.33 -27.23 20.14
N ILE A 318 12.30 -26.03 19.56
CA ILE A 318 11.04 -25.47 19.09
C ILE A 318 10.47 -26.32 17.96
N LEU A 319 11.34 -26.75 17.03
CA LEU A 319 10.89 -27.61 15.95
C LEU A 319 10.46 -28.98 16.47
N ASP A 320 11.10 -29.48 17.52
CA ASP A 320 10.69 -30.74 18.11
C ASP A 320 9.28 -30.66 18.69
N THR A 321 8.98 -29.57 19.39
CA THR A 321 7.65 -29.40 19.98
C THR A 321 6.58 -29.31 18.89
N LEU A 322 6.87 -28.58 17.82
CA LEU A 322 5.92 -28.47 16.71
C LEU A 322 5.60 -29.83 16.12
N GLU A 323 6.63 -30.67 15.91
CA GLU A 323 6.40 -31.98 15.33
C GLU A 323 5.67 -32.92 16.29
N ASP A 324 5.90 -32.77 17.60
CA ASP A 324 5.15 -33.55 18.57
C ASP A 324 3.68 -33.13 18.60
N ASN A 325 3.41 -31.82 18.50
CA ASN A 325 2.03 -31.34 18.49
C ASN A 325 1.31 -31.76 17.23
N ARG A 326 2.01 -31.74 16.09
CA ARG A 326 1.42 -32.24 14.85
C ARG A 326 1.08 -33.72 14.96
N GLU A 327 1.99 -34.49 15.56
CA GLU A 327 1.74 -35.91 15.78
C GLU A 327 0.51 -36.11 16.66
N TRP A 328 0.32 -35.24 17.65
CA TRP A 328 -0.80 -35.40 18.58
C TRP A 328 -2.13 -35.06 17.92
N TYR A 329 -2.21 -33.89 17.28
CA TYR A 329 -3.44 -33.51 16.59
C TYR A 329 -3.82 -34.53 15.53
N GLN A 330 -2.83 -35.14 14.89
CA GLN A 330 -3.11 -36.23 13.96
C GLN A 330 -3.75 -37.41 14.68
N SER A 331 -3.21 -37.76 15.85
CA SER A 331 -3.67 -38.93 16.59
C SER A 331 -5.13 -38.84 17.02
N THR A 332 -5.66 -37.63 17.16
CA THR A 332 -7.05 -37.46 17.57
C THR A 332 -8.03 -37.69 16.43
N ILE A 333 -7.57 -37.74 15.19
CA ILE A 333 -8.45 -37.90 14.04
C ILE A 333 -8.96 -39.33 13.98
N PRO A 334 -8.11 -40.37 14.12
CA PRO A 334 -8.73 -41.70 14.24
C PRO A 334 -8.91 -42.10 15.71
N GLN B 11 -21.54 30.83 -25.44
CA GLN B 11 -22.07 29.89 -24.44
C GLN B 11 -22.07 28.46 -24.97
N GLU B 12 -23.26 27.85 -25.00
CA GLU B 12 -23.43 26.46 -25.39
C GLU B 12 -23.55 26.26 -26.90
N ASP B 13 -22.76 26.97 -27.70
CA ASP B 13 -22.48 26.51 -29.05
C ASP B 13 -21.02 26.66 -29.43
N VAL B 14 -20.28 27.56 -28.77
CA VAL B 14 -18.83 27.54 -28.91
C VAL B 14 -18.26 26.34 -28.19
N LEU B 15 -18.97 25.83 -27.17
CA LEU B 15 -18.54 24.59 -26.55
C LEU B 15 -18.37 23.49 -27.60
N ALA B 16 -19.30 23.40 -28.54
CA ALA B 16 -19.53 22.16 -29.28
C ALA B 16 -18.51 21.97 -30.37
N LYS B 17 -18.16 23.04 -31.07
CA LYS B 17 -17.26 22.96 -32.20
C LYS B 17 -15.82 22.65 -31.78
N GLU B 18 -15.45 22.94 -30.54
CA GLU B 18 -14.14 22.53 -30.07
C GLU B 18 -14.18 21.18 -29.36
N LEU B 19 -15.33 20.80 -28.77
CA LEU B 19 -15.53 19.41 -28.39
C LEU B 19 -15.45 18.48 -29.60
N GLU B 20 -15.63 19.02 -30.81
CA GLU B 20 -15.57 18.20 -32.02
C GLU B 20 -14.21 17.53 -32.18
N ASP B 21 -13.15 18.12 -31.63
CA ASP B 21 -11.80 17.60 -31.80
C ASP B 21 -11.39 16.65 -30.69
N VAL B 22 -12.32 16.19 -29.86
CA VAL B 22 -12.03 15.42 -28.65
C VAL B 22 -11.17 14.20 -28.97
N ASN B 23 -11.11 13.80 -30.23
CA ASN B 23 -10.36 12.61 -30.65
C ASN B 23 -8.93 12.91 -31.07
N LYS B 24 -8.43 14.12 -30.85
CA LYS B 24 -7.16 14.54 -31.43
C LYS B 24 -6.22 15.10 -30.38
N TRP B 25 -4.95 14.71 -30.46
CA TRP B 25 -3.92 15.26 -29.58
C TRP B 25 -3.90 16.78 -29.64
N GLY B 26 -3.71 17.42 -28.50
CA GLY B 26 -3.62 18.87 -28.48
C GLY B 26 -4.94 19.60 -28.46
N LEU B 27 -5.92 19.08 -27.74
CA LEU B 27 -7.16 19.82 -27.52
C LEU B 27 -6.86 21.09 -26.73
N HIS B 28 -7.60 22.15 -27.04
CA HIS B 28 -7.50 23.36 -26.22
C HIS B 28 -8.41 23.16 -25.01
N VAL B 29 -7.85 22.49 -24.00
CA VAL B 29 -8.61 22.16 -22.80
C VAL B 29 -8.90 23.40 -21.97
N PHE B 30 -8.03 24.41 -22.04
CA PHE B 30 -8.15 25.56 -21.15
C PHE B 30 -9.37 26.41 -21.47
N ARG B 31 -9.67 26.59 -22.76
CA ARG B 31 -10.87 27.37 -23.09
C ARG B 31 -12.13 26.52 -22.95
N ILE B 32 -12.04 25.22 -23.24
CA ILE B 32 -13.14 24.30 -22.92
C ILE B 32 -13.49 24.42 -21.44
N ALA B 33 -12.48 24.63 -20.60
CA ALA B 33 -12.73 24.93 -19.19
C ALA B 33 -13.43 26.27 -19.03
N GLU B 34 -12.90 27.31 -19.69
CA GLU B 34 -13.51 28.63 -19.60
C GLU B 34 -14.93 28.63 -20.19
N LEU B 35 -15.10 27.99 -21.33
CA LEU B 35 -16.39 28.00 -22.02
C LEU B 35 -17.47 27.19 -21.31
N SER B 36 -17.11 26.40 -20.30
CA SER B 36 -18.07 25.51 -19.65
C SER B 36 -18.25 25.84 -18.18
N GLY B 37 -18.01 27.08 -17.79
CA GLY B 37 -18.20 27.49 -16.40
C GLY B 37 -17.35 26.72 -15.41
N ASN B 38 -16.11 26.40 -15.80
CA ASN B 38 -15.18 25.66 -14.96
C ASN B 38 -15.68 24.25 -14.68
N ARG B 39 -16.10 23.55 -15.76
CA ARG B 39 -16.46 22.13 -15.67
C ARG B 39 -15.84 21.34 -16.83
N PRO B 40 -14.53 21.43 -17.04
CA PRO B 40 -13.93 20.69 -18.17
C PRO B 40 -13.91 19.18 -17.95
N LEU B 41 -13.82 18.73 -16.70
CA LEU B 41 -13.82 17.29 -16.44
C LEU B 41 -15.18 16.68 -16.77
N THR B 42 -16.27 17.35 -16.41
CA THR B 42 -17.60 16.82 -16.65
C THR B 42 -17.87 16.67 -18.14
N VAL B 43 -17.70 17.76 -18.90
CA VAL B 43 -18.16 17.78 -20.28
C VAL B 43 -17.28 16.91 -21.17
N ILE B 44 -16.02 16.71 -20.81
CA ILE B 44 -15.13 15.91 -21.65
C ILE B 44 -15.31 14.43 -21.37
N MET B 45 -15.54 14.06 -20.10
CA MET B 45 -15.88 12.68 -19.78
C MET B 45 -17.19 12.28 -20.45
N HIS B 46 -18.20 13.16 -20.38
CA HIS B 46 -19.48 12.88 -21.01
C HIS B 46 -19.32 12.68 -22.52
N THR B 47 -18.59 13.59 -23.17
CA THR B 47 -18.39 13.49 -24.62
C THR B 47 -17.67 12.20 -24.99
N ILE B 48 -16.67 11.81 -24.18
CA ILE B 48 -15.91 10.61 -24.48
C ILE B 48 -16.77 9.35 -24.25
N PHE B 49 -17.67 9.38 -23.28
CA PHE B 49 -18.51 8.23 -23.02
C PHE B 49 -19.45 7.94 -24.18
N GLN B 50 -19.98 8.99 -24.81
CA GLN B 50 -20.90 8.79 -25.93
C GLN B 50 -20.16 8.34 -27.18
N GLU B 51 -19.01 8.95 -27.48
CA GLU B 51 -18.24 8.57 -28.65
C GLU B 51 -17.79 7.11 -28.58
N ARG B 52 -17.44 6.63 -27.39
CA ARG B 52 -17.09 5.23 -27.19
C ARG B 52 -18.30 4.37 -26.84
N ASP B 53 -19.49 4.97 -26.73
CA ASP B 53 -20.73 4.24 -26.49
C ASP B 53 -20.67 3.46 -25.18
N LEU B 54 -20.27 4.14 -24.11
CA LEU B 54 -20.08 3.49 -22.81
C LEU B 54 -21.33 3.50 -21.98
N LEU B 55 -22.16 4.53 -22.15
CA LEU B 55 -23.42 4.57 -21.45
C LEU B 55 -24.37 3.48 -21.93
N LYS B 56 -24.33 3.12 -23.20
CA LYS B 56 -25.14 2.00 -23.68
C LYS B 56 -24.50 0.65 -23.35
N THR B 57 -23.18 0.51 -23.50
CA THR B 57 -22.53 -0.78 -23.27
C THR B 57 -22.67 -1.21 -21.81
N PHE B 58 -22.60 -0.26 -20.87
CA PHE B 58 -22.67 -0.56 -19.45
C PHE B 58 -23.95 -0.03 -18.80
N LYS B 59 -24.91 0.46 -19.58
CA LYS B 59 -26.23 0.89 -19.11
C LYS B 59 -26.12 1.80 -17.88
N ILE B 60 -25.50 2.95 -18.11
CA ILE B 60 -25.28 3.97 -17.08
C ILE B 60 -26.41 5.00 -17.21
N PRO B 61 -27.14 5.31 -16.13
CA PRO B 61 -28.11 6.41 -16.24
C PRO B 61 -27.36 7.72 -16.51
N VAL B 62 -27.79 8.42 -17.56
CA VAL B 62 -27.03 9.61 -17.98
C VAL B 62 -27.11 10.71 -16.92
N ASP B 63 -28.23 10.80 -16.21
CA ASP B 63 -28.28 11.68 -15.06
C ASP B 63 -27.34 11.21 -13.96
N THR B 64 -27.18 9.89 -13.82
CA THR B 64 -26.23 9.37 -12.85
C THR B 64 -24.79 9.70 -13.24
N LEU B 65 -24.48 9.64 -14.53
CA LEU B 65 -23.14 10.01 -14.99
C LEU B 65 -22.83 11.47 -14.70
N ILE B 66 -23.84 12.34 -14.79
CA ILE B 66 -23.61 13.77 -14.58
C ILE B 66 -23.48 14.08 -13.09
N THR B 67 -24.33 13.49 -12.26
CA THR B 67 -24.32 13.82 -10.83
C THR B 67 -23.03 13.40 -10.15
N TYR B 68 -22.42 12.30 -10.60
CA TYR B 68 -21.13 11.90 -10.03
C TYR B 68 -20.00 12.76 -10.57
N LEU B 69 -19.98 13.01 -11.88
CA LEU B 69 -18.93 13.82 -12.47
C LEU B 69 -18.91 15.23 -11.88
N MET B 70 -20.06 15.75 -11.45
CA MET B 70 -20.08 17.04 -10.79
C MET B 70 -19.47 16.96 -9.40
N THR B 71 -19.94 16.02 -8.58
CA THR B 71 -19.40 15.88 -7.23
C THR B 71 -17.92 15.51 -7.25
N LEU B 72 -17.48 14.76 -8.26
CA LEU B 72 -16.05 14.47 -8.41
C LEU B 72 -15.29 15.73 -8.79
N GLU B 73 -15.83 16.53 -9.72
CA GLU B 73 -15.18 17.77 -10.11
C GLU B 73 -15.07 18.74 -8.95
N ASP B 74 -16.02 18.69 -8.01
CA ASP B 74 -16.00 19.61 -6.88
C ASP B 74 -14.88 19.30 -5.89
N HIS B 75 -14.46 18.04 -5.80
CA HIS B 75 -13.44 17.66 -4.83
C HIS B 75 -12.02 17.88 -5.34
N TYR B 76 -11.86 18.44 -6.54
CA TYR B 76 -10.57 18.98 -6.96
C TYR B 76 -10.48 20.42 -6.49
N HIS B 77 -9.34 20.76 -5.88
CA HIS B 77 -9.20 22.08 -5.27
C HIS B 77 -9.05 23.14 -6.35
N ALA B 78 -9.83 24.22 -6.22
CA ALA B 78 -9.77 25.31 -7.19
C ALA B 78 -8.62 26.27 -6.92
N ASP B 79 -8.09 26.30 -5.70
CA ASP B 79 -6.97 27.17 -5.36
C ASP B 79 -5.62 26.50 -5.55
N VAL B 80 -5.58 25.34 -6.20
CA VAL B 80 -4.34 24.65 -6.53
C VAL B 80 -4.07 24.85 -8.01
N ALA B 81 -2.86 25.30 -8.34
CA ALA B 81 -2.60 25.85 -9.67
C ALA B 81 -2.59 24.76 -10.74
N TYR B 82 -1.97 23.61 -10.46
CA TYR B 82 -1.83 22.56 -11.46
C TYR B 82 -2.78 21.38 -11.21
N HIS B 83 -2.67 20.74 -10.05
CA HIS B 83 -3.45 19.52 -9.76
C HIS B 83 -4.89 19.90 -9.40
N ASN B 84 -5.63 20.31 -10.43
CA ASN B 84 -7.03 20.69 -10.26
C ASN B 84 -7.85 19.97 -11.32
N ASN B 85 -9.07 20.44 -11.55
CA ASN B 85 -9.99 19.75 -12.45
C ASN B 85 -9.57 19.87 -13.91
N ILE B 86 -8.84 20.92 -14.26
CA ILE B 86 -8.38 21.05 -15.64
C ILE B 86 -7.35 19.98 -15.97
N HIS B 87 -6.45 19.69 -15.02
CA HIS B 87 -5.48 18.62 -15.23
C HIS B 87 -6.16 17.27 -15.37
N ALA B 88 -7.23 17.04 -14.59
CA ALA B 88 -7.95 15.77 -14.68
C ALA B 88 -8.62 15.61 -16.04
N ALA B 89 -9.20 16.68 -16.58
CA ALA B 89 -9.83 16.61 -17.88
C ALA B 89 -8.81 16.35 -18.99
N ASP B 90 -7.62 16.95 -18.86
CA ASP B 90 -6.59 16.77 -19.88
C ASP B 90 -6.06 15.34 -19.88
N VAL B 91 -5.92 14.73 -18.71
CA VAL B 91 -5.44 13.35 -18.67
C VAL B 91 -6.51 12.40 -19.19
N VAL B 92 -7.78 12.66 -18.87
CA VAL B 92 -8.86 11.84 -19.40
C VAL B 92 -8.82 11.81 -20.92
N GLN B 93 -8.73 12.98 -21.55
CA GLN B 93 -8.78 13.05 -23.00
C GLN B 93 -7.51 12.49 -23.62
N SER B 94 -6.36 12.73 -23.00
CA SER B 94 -5.11 12.23 -23.55
C SER B 94 -5.04 10.70 -23.55
N THR B 95 -5.57 10.04 -22.51
CA THR B 95 -5.66 8.58 -22.55
C THR B 95 -6.72 8.10 -23.53
N HIS B 96 -7.79 8.89 -23.70
CA HIS B 96 -8.80 8.53 -24.68
C HIS B 96 -8.20 8.43 -26.09
N VAL B 97 -7.26 9.30 -26.40
CA VAL B 97 -6.61 9.26 -27.70
C VAL B 97 -5.61 8.12 -27.78
N LEU B 98 -4.87 7.88 -26.69
CA LEU B 98 -3.95 6.74 -26.66
C LEU B 98 -4.68 5.41 -26.73
N LEU B 99 -5.96 5.38 -26.36
CA LEU B 99 -6.77 4.18 -26.57
C LEU B 99 -7.15 4.00 -28.03
N SER B 100 -7.09 5.04 -28.85
CA SER B 100 -7.51 4.91 -30.24
C SER B 100 -6.33 4.76 -31.21
N THR B 101 -5.12 4.58 -30.70
CA THR B 101 -3.97 4.39 -31.59
C THR B 101 -4.15 3.10 -32.39
N PRO B 102 -3.89 3.10 -33.69
CA PRO B 102 -4.17 1.90 -34.50
C PRO B 102 -3.31 0.68 -34.19
N ALA B 103 -2.12 0.79 -33.59
CA ALA B 103 -1.47 -0.45 -33.14
C ALA B 103 -2.15 -1.07 -31.92
N LEU B 104 -3.16 -0.39 -31.38
CA LEU B 104 -3.96 -0.94 -30.29
C LEU B 104 -5.45 -0.93 -30.62
N GLU B 105 -5.81 -1.48 -31.78
CA GLU B 105 -7.21 -1.65 -32.14
C GLU B 105 -7.86 -2.77 -31.34
N ALA B 106 -9.06 -2.50 -30.84
CA ALA B 106 -9.86 -3.50 -30.16
C ALA B 106 -9.14 -3.99 -28.92
N VAL B 107 -7.88 -4.43 -29.08
CA VAL B 107 -7.00 -5.06 -28.09
C VAL B 107 -7.58 -5.15 -26.68
N PHE B 108 -8.14 -4.07 -26.15
CA PHE B 108 -8.59 -4.02 -24.77
C PHE B 108 -10.11 -4.17 -24.67
N THR B 109 -10.56 -4.91 -23.67
CA THR B 109 -11.99 -5.09 -23.44
C THR B 109 -12.69 -3.75 -23.24
N ASP B 110 -13.99 -3.75 -23.48
CA ASP B 110 -14.79 -2.57 -23.12
C ASP B 110 -14.63 -2.26 -21.64
N LEU B 111 -14.48 -3.29 -20.80
CA LEU B 111 -14.23 -3.05 -19.39
C LEU B 111 -12.82 -2.53 -19.14
N GLU B 112 -11.83 -2.90 -19.98
CA GLU B 112 -10.48 -2.33 -19.86
C GLU B 112 -10.39 -0.90 -20.41
N ILE B 113 -11.39 -0.43 -21.15
CA ILE B 113 -11.39 0.96 -21.60
C ILE B 113 -12.02 1.86 -20.54
N LEU B 114 -13.13 1.41 -19.93
CA LEU B 114 -13.86 2.23 -18.97
C LEU B 114 -13.08 2.45 -17.68
N ALA B 115 -12.26 1.47 -17.27
CA ALA B 115 -11.44 1.63 -16.07
C ALA B 115 -10.32 2.63 -16.33
N ALA B 116 -9.61 2.49 -17.45
CA ALA B 116 -8.54 3.42 -17.77
C ALA B 116 -9.05 4.85 -17.91
N ILE B 117 -10.30 5.01 -18.33
CA ILE B 117 -10.89 6.34 -18.43
C ILE B 117 -11.37 6.81 -17.06
N PHE B 118 -12.00 5.91 -16.29
CA PHE B 118 -12.42 6.27 -14.94
C PHE B 118 -11.21 6.53 -14.05
N ALA B 119 -10.13 5.76 -14.23
CA ALA B 119 -8.93 5.98 -13.43
C ALA B 119 -8.33 7.34 -13.71
N SER B 120 -8.30 7.75 -14.98
CA SER B 120 -7.76 9.06 -15.32
C SER B 120 -8.55 10.18 -14.69
N ALA B 121 -9.86 10.00 -14.51
CA ALA B 121 -10.72 11.07 -14.03
C ALA B 121 -10.55 11.31 -12.53
N ILE B 122 -10.21 10.27 -11.76
CA ILE B 122 -10.09 10.39 -10.32
C ILE B 122 -8.65 10.39 -9.85
N HIS B 123 -7.67 10.31 -10.77
CA HIS B 123 -6.30 9.99 -10.40
C HIS B 123 -5.62 11.07 -9.57
N ASP B 124 -6.23 12.26 -9.41
CA ASP B 124 -5.62 13.31 -8.59
C ASP B 124 -6.64 14.03 -7.72
N VAL B 125 -7.77 13.41 -7.40
CA VAL B 125 -8.84 14.10 -6.70
C VAL B 125 -8.39 14.44 -5.28
N ASP B 126 -8.80 15.63 -4.81
CA ASP B 126 -8.46 16.14 -3.48
C ASP B 126 -6.96 16.29 -3.29
N HIS B 127 -6.26 16.64 -4.36
CA HIS B 127 -4.81 16.87 -4.27
C HIS B 127 -4.54 18.17 -3.52
N PRO B 128 -3.75 18.15 -2.46
CA PRO B 128 -3.50 19.38 -1.69
C PRO B 128 -2.42 20.28 -2.28
N GLY B 129 -1.82 19.91 -3.41
CA GLY B 129 -0.82 20.75 -4.04
C GLY B 129 0.60 20.56 -3.53
N VAL B 130 0.86 19.48 -2.79
CA VAL B 130 2.20 19.19 -2.29
C VAL B 130 2.52 17.72 -2.57
N SER B 131 3.81 17.43 -2.62
CA SER B 131 4.28 16.11 -3.04
C SER B 131 4.17 15.10 -1.90
N ASN B 132 4.41 13.83 -2.23
CA ASN B 132 4.41 12.78 -1.22
C ASN B 132 5.51 13.01 -0.20
N GLN B 133 6.70 13.39 -0.64
CA GLN B 133 7.81 13.58 0.29
C GLN B 133 7.53 14.72 1.26
N PHE B 134 6.84 15.77 0.81
CA PHE B 134 6.44 16.84 1.72
C PHE B 134 5.45 16.32 2.75
N LEU B 135 4.44 15.57 2.31
CA LEU B 135 3.45 15.02 3.23
C LEU B 135 4.10 14.06 4.23
N ILE B 136 5.17 13.36 3.82
CA ILE B 136 5.83 12.44 4.72
C ILE B 136 6.68 13.19 5.74
N ASN B 137 7.55 14.08 5.26
CA ASN B 137 8.48 14.79 6.13
C ASN B 137 7.80 15.75 7.09
N THR B 138 6.53 16.08 6.87
CA THR B 138 5.78 16.97 7.74
C THR B 138 4.86 16.22 8.70
N ASN B 139 4.91 14.90 8.71
CA ASN B 139 4.08 14.07 9.57
C ASN B 139 2.61 14.40 9.40
N SER B 140 2.18 14.52 8.14
CA SER B 140 0.81 14.88 7.84
C SER B 140 -0.13 13.74 8.20
N GLU B 141 -1.42 14.07 8.29
CA GLU B 141 -2.45 13.07 8.55
C GLU B 141 -2.51 12.04 7.43
N LEU B 142 -2.31 12.48 6.19
CA LEU B 142 -2.35 11.57 5.05
C LEU B 142 -1.23 10.55 5.13
N ALA B 143 0.01 11.00 5.35
CA ALA B 143 1.13 10.07 5.44
C ALA B 143 1.00 9.16 6.66
N LEU B 144 0.37 9.65 7.74
CA LEU B 144 0.14 8.82 8.90
C LEU B 144 -0.90 7.73 8.60
N MET B 145 -1.92 8.08 7.82
CA MET B 145 -2.95 7.10 7.46
C MET B 145 -2.39 6.02 6.53
N TYR B 146 -1.53 6.40 5.59
CA TYR B 146 -1.12 5.49 4.52
C TYR B 146 0.33 5.01 4.66
N ASN B 147 0.97 5.27 5.79
CA ASN B 147 2.28 4.70 6.11
C ASN B 147 3.32 5.00 5.05
N ASP B 148 3.34 6.24 4.57
CA ASP B 148 4.36 6.80 3.68
C ASP B 148 4.41 6.12 2.31
N SER B 149 3.46 5.26 1.98
CA SER B 149 3.48 4.48 0.74
C SER B 149 2.40 5.00 -0.20
N SER B 150 2.83 5.65 -1.29
CA SER B 150 1.92 6.21 -2.30
C SER B 150 0.79 6.97 -1.63
N VAL B 151 1.17 7.93 -0.78
CA VAL B 151 0.21 8.60 0.10
C VAL B 151 -0.86 9.30 -0.71
N LEU B 152 -0.46 10.09 -1.70
CA LEU B 152 -1.42 10.82 -2.51
C LEU B 152 -2.31 9.87 -3.31
N GLU B 153 -1.69 8.88 -3.96
CA GLU B 153 -2.42 8.04 -4.90
C GLU B 153 -3.43 7.15 -4.20
N ASN B 154 -3.09 6.63 -3.01
CA ASN B 154 -4.08 5.90 -2.22
C ASN B 154 -5.26 6.80 -1.86
N HIS B 155 -4.98 8.07 -1.56
CA HIS B 155 -6.05 8.99 -1.17
C HIS B 155 -6.95 9.32 -2.35
N HIS B 156 -6.37 9.53 -3.53
CA HIS B 156 -7.17 9.81 -4.73
C HIS B 156 -8.17 8.68 -4.98
N LEU B 157 -7.70 7.44 -4.88
CA LEU B 157 -8.59 6.29 -5.07
C LEU B 157 -9.70 6.28 -4.04
N ALA B 158 -9.34 6.42 -2.75
CA ALA B 158 -10.33 6.32 -1.68
C ALA B 158 -11.42 7.37 -1.84
N VAL B 159 -11.06 8.61 -2.17
CA VAL B 159 -12.06 9.64 -2.40
C VAL B 159 -12.85 9.35 -3.67
N GLY B 160 -12.17 8.87 -4.71
CA GLY B 160 -12.84 8.59 -5.96
C GLY B 160 -13.93 7.54 -5.83
N PHE B 161 -13.66 6.48 -5.07
CA PHE B 161 -14.64 5.42 -4.88
C PHE B 161 -15.72 5.82 -3.88
N LYS B 162 -15.35 6.53 -2.82
CA LYS B 162 -16.32 6.88 -1.79
C LYS B 162 -17.42 7.79 -2.35
N LEU B 163 -17.06 8.68 -3.27
CA LEU B 163 -18.06 9.57 -3.86
C LEU B 163 -19.13 8.81 -4.63
N LEU B 164 -18.84 7.59 -5.07
CA LEU B 164 -19.87 6.77 -5.72
C LEU B 164 -21.03 6.49 -4.80
N GLN B 165 -20.80 6.48 -3.48
CA GLN B 165 -21.85 6.19 -2.51
C GLN B 165 -22.70 7.39 -2.19
N GLU B 166 -22.48 8.53 -2.85
CA GLU B 166 -23.43 9.63 -2.74
C GLU B 166 -24.68 9.31 -3.56
N GLU B 167 -25.77 9.98 -3.23
CA GLU B 167 -27.06 9.68 -3.85
C GLU B 167 -27.01 9.97 -5.35
N ASN B 168 -27.49 9.03 -6.16
CA ASN B 168 -27.55 9.13 -7.61
C ASN B 168 -26.16 9.19 -8.24
N CYS B 169 -25.14 8.75 -7.51
CA CYS B 169 -23.76 8.84 -8.00
C CYS B 169 -23.14 7.51 -8.40
N ASP B 170 -23.79 6.38 -8.10
CA ASP B 170 -23.24 5.08 -8.46
C ASP B 170 -23.44 4.84 -9.95
N ILE B 171 -22.45 5.24 -10.75
CA ILE B 171 -22.52 5.05 -12.19
C ILE B 171 -22.30 3.61 -12.60
N PHE B 172 -21.84 2.75 -11.70
CA PHE B 172 -21.62 1.34 -11.98
C PHE B 172 -22.74 0.46 -11.44
N GLN B 173 -23.92 1.04 -11.17
CA GLN B 173 -24.97 0.30 -10.49
C GLN B 173 -25.48 -0.88 -11.31
N ASN B 174 -25.37 -0.80 -12.64
CA ASN B 174 -25.87 -1.85 -13.51
C ASN B 174 -24.78 -2.74 -14.08
N LEU B 175 -23.55 -2.60 -13.60
CA LEU B 175 -22.52 -3.59 -13.89
C LEU B 175 -22.81 -4.87 -13.11
N THR B 176 -22.38 -6.00 -13.66
CA THR B 176 -22.39 -7.19 -12.84
C THR B 176 -21.40 -7.03 -11.70
N LYS B 177 -21.61 -7.79 -10.63
CA LYS B 177 -20.76 -7.70 -9.45
C LYS B 177 -19.33 -8.10 -9.77
N LYS B 178 -19.16 -9.17 -10.56
CA LYS B 178 -17.82 -9.54 -11.02
C LYS B 178 -17.20 -8.43 -11.87
N GLN B 179 -18.02 -7.72 -12.64
CA GLN B 179 -17.53 -6.58 -13.39
C GLN B 179 -17.10 -5.45 -12.46
N ARG B 180 -17.92 -5.15 -11.44
CA ARG B 180 -17.54 -4.14 -10.47
C ARG B 180 -16.25 -4.52 -9.76
N GLN B 181 -16.08 -5.80 -9.44
CA GLN B 181 -14.86 -6.29 -8.82
C GLN B 181 -13.66 -6.11 -9.74
N SER B 182 -13.81 -6.49 -11.01
CA SER B 182 -12.68 -6.44 -11.94
C SER B 182 -12.30 -5.00 -12.28
N LEU B 183 -13.28 -4.11 -12.39
CA LEU B 183 -12.97 -2.72 -12.67
C LEU B 183 -12.26 -2.06 -11.50
N ARG B 184 -12.77 -2.26 -10.29
CA ARG B 184 -12.15 -1.68 -9.09
C ARG B 184 -10.70 -2.11 -8.98
N LYS B 185 -10.41 -3.38 -9.26
CA LYS B 185 -9.05 -3.88 -9.25
C LYS B 185 -8.19 -3.15 -10.29
N MET B 186 -8.72 -2.98 -11.50
CA MET B 186 -7.94 -2.34 -12.56
C MET B 186 -7.75 -0.85 -12.27
N VAL B 187 -8.77 -0.19 -11.72
CA VAL B 187 -8.65 1.23 -11.40
C VAL B 187 -7.58 1.44 -10.34
N ILE B 188 -7.58 0.59 -9.31
CA ILE B 188 -6.57 0.70 -8.25
C ILE B 188 -5.17 0.50 -8.83
N ASP B 189 -4.99 -0.55 -9.64
CA ASP B 189 -3.68 -0.81 -10.22
C ASP B 189 -3.18 0.34 -11.08
N ILE B 190 -4.09 1.06 -11.73
CA ILE B 190 -3.67 2.11 -12.64
C ILE B 190 -3.29 3.37 -11.88
N VAL B 191 -4.14 3.81 -10.96
CA VAL B 191 -3.89 5.06 -10.24
C VAL B 191 -2.67 4.91 -9.34
N LEU B 192 -2.48 3.75 -8.73
CA LEU B 192 -1.27 3.52 -7.93
C LEU B 192 -0.02 3.64 -8.77
N ALA B 193 -0.11 3.33 -10.06
CA ALA B 193 1.03 3.41 -10.95
C ALA B 193 1.32 4.83 -11.42
N THR B 194 0.47 5.81 -11.07
CA THR B 194 0.77 7.19 -11.38
C THR B 194 1.74 7.83 -10.39
N ASP B 195 2.08 7.11 -9.31
CA ASP B 195 3.12 7.55 -8.40
C ASP B 195 4.43 7.70 -9.16
N MET B 196 5.01 8.90 -9.12
CA MET B 196 6.25 9.15 -9.83
C MET B 196 7.41 8.33 -9.28
N SER B 197 7.34 7.90 -8.02
CA SER B 197 8.41 7.07 -7.46
C SER B 197 8.48 5.70 -8.10
N LYS B 198 7.49 5.32 -8.90
CA LYS B 198 7.49 4.04 -9.61
C LYS B 198 7.74 4.22 -11.11
N HIS B 199 8.22 5.39 -11.53
CA HIS B 199 8.41 5.64 -12.96
C HIS B 199 9.46 4.72 -13.56
N MET B 200 10.55 4.49 -12.83
CA MET B 200 11.66 3.72 -13.39
C MET B 200 11.30 2.25 -13.55
N ASN B 201 10.66 1.66 -12.54
CA ASN B 201 10.20 0.27 -12.66
C ASN B 201 9.15 0.14 -13.76
N LEU B 202 8.30 1.15 -13.91
CA LEU B 202 7.27 1.13 -14.94
C LEU B 202 7.89 1.23 -16.33
N LEU B 203 8.98 1.99 -16.47
CA LEU B 203 9.63 2.16 -17.76
C LEU B 203 10.46 0.94 -18.13
N ALA B 204 11.23 0.41 -17.17
CA ALA B 204 12.05 -0.76 -17.45
C ALA B 204 11.19 -1.96 -17.83
N ASP B 205 10.04 -2.11 -17.19
CA ASP B 205 9.11 -3.15 -17.61
C ASP B 205 8.52 -2.85 -18.98
N LEU B 206 8.31 -1.57 -19.30
CA LEU B 206 7.86 -1.21 -20.64
C LEU B 206 8.94 -1.50 -21.68
N LYS B 207 10.22 -1.36 -21.30
CA LYS B 207 11.30 -1.70 -22.20
C LYS B 207 11.40 -3.20 -22.41
N THR B 208 11.19 -3.99 -21.35
CA THR B 208 11.20 -5.44 -21.49
C THR B 208 10.16 -5.90 -22.49
N MET B 209 8.97 -5.32 -22.44
CA MET B 209 7.91 -5.70 -23.37
C MET B 209 8.26 -5.35 -24.81
N VAL B 210 8.99 -4.25 -25.02
CA VAL B 210 9.34 -3.84 -26.38
C VAL B 210 10.42 -4.77 -26.95
N GLU B 211 11.37 -5.19 -26.12
CA GLU B 211 12.36 -6.17 -26.57
C GLU B 211 11.68 -7.44 -27.03
N THR B 212 10.70 -7.93 -26.27
CA THR B 212 9.93 -9.12 -26.60
C THR B 212 8.61 -8.76 -27.27
N LYS B 213 8.60 -7.72 -28.09
CA LYS B 213 7.37 -7.28 -28.73
C LYS B 213 6.86 -8.34 -29.70
N LYS B 214 5.62 -8.77 -29.49
CA LYS B 214 4.96 -9.75 -30.34
C LYS B 214 3.78 -9.09 -31.03
N VAL B 215 3.67 -9.28 -32.35
CA VAL B 215 2.71 -8.51 -33.13
C VAL B 215 2.49 -9.11 -34.51
N THR B 216 1.26 -9.01 -35.01
CA THR B 216 0.84 -8.93 -36.41
C THR B 216 -0.61 -9.41 -36.56
N SER B 217 -0.79 -10.57 -37.22
CA SER B 217 -2.08 -10.94 -37.81
C SER B 217 -2.59 -9.79 -38.67
N SER B 218 -3.00 -8.70 -38.03
CA SER B 218 -3.31 -7.45 -38.72
C SER B 218 -2.22 -6.40 -38.57
N GLY B 219 -1.29 -6.60 -37.63
CA GLY B 219 -0.32 -5.59 -37.26
C GLY B 219 -0.57 -4.96 -35.91
N VAL B 220 -1.55 -5.44 -35.15
CA VAL B 220 -1.95 -4.86 -33.88
C VAL B 220 -1.35 -5.69 -32.74
N LEU B 221 -0.88 -5.01 -31.70
CA LEU B 221 -0.13 -5.63 -30.62
C LEU B 221 -0.91 -6.79 -29.99
N LEU B 222 -0.18 -7.81 -29.54
CA LEU B 222 -0.75 -9.02 -28.98
C LEU B 222 -0.32 -9.13 -27.52
N LEU B 223 -1.25 -8.84 -26.60
CA LEU B 223 -1.04 -9.01 -25.16
C LEU B 223 -2.01 -10.07 -24.67
N ASP B 224 -1.48 -11.10 -24.00
CA ASP B 224 -2.28 -12.25 -23.61
C ASP B 224 -2.59 -12.28 -22.11
N ASN B 225 -1.57 -12.24 -21.26
CA ASN B 225 -1.78 -12.34 -19.82
C ASN B 225 -2.07 -10.97 -19.23
N TYR B 226 -2.92 -10.97 -18.19
CA TYR B 226 -3.34 -9.72 -17.55
C TYR B 226 -2.14 -8.91 -17.07
N SER B 227 -1.08 -9.59 -16.63
CA SER B 227 0.11 -8.89 -16.16
C SER B 227 0.71 -8.00 -17.25
N ASP B 228 0.77 -8.50 -18.48
CA ASP B 228 1.26 -7.69 -19.59
C ASP B 228 0.25 -6.61 -19.97
N ARG B 229 -1.05 -6.95 -19.92
CA ARG B 229 -2.08 -6.00 -20.31
C ARG B 229 -2.11 -4.79 -19.37
N ILE B 230 -2.40 -5.04 -18.09
CA ILE B 230 -2.50 -3.95 -17.12
C ILE B 230 -1.21 -3.14 -17.07
N GLN B 231 -0.08 -3.76 -17.44
CA GLN B 231 1.18 -3.04 -17.51
C GLN B 231 1.16 -2.00 -18.62
N VAL B 232 0.38 -2.22 -19.68
CA VAL B 232 0.30 -1.26 -20.77
C VAL B 232 -0.58 -0.08 -20.42
N LEU B 233 -1.74 -0.34 -19.79
CA LEU B 233 -2.62 0.75 -19.39
C LEU B 233 -2.01 1.60 -18.27
N GLN B 234 -1.20 0.98 -17.41
CA GLN B 234 -0.47 1.74 -16.40
C GLN B 234 0.45 2.75 -17.06
N ASN B 235 1.25 2.30 -18.03
CA ASN B 235 2.11 3.21 -18.79
C ASN B 235 1.31 4.17 -19.66
N MET B 236 0.09 3.80 -20.05
CA MET B 236 -0.72 4.64 -20.91
C MET B 236 -1.23 5.86 -20.16
N VAL B 237 -1.85 5.64 -19.00
CA VAL B 237 -2.30 6.76 -18.18
C VAL B 237 -1.10 7.52 -17.62
N HIS B 238 0.02 6.82 -17.40
CA HIS B 238 1.25 7.50 -17.00
C HIS B 238 1.76 8.41 -18.11
N CYS B 239 1.74 7.92 -19.35
CA CYS B 239 2.13 8.77 -20.48
C CYS B 239 1.22 9.99 -20.59
N ALA B 240 -0.09 9.81 -20.36
CA ALA B 240 -1.00 10.95 -20.45
C ALA B 240 -0.85 11.88 -19.26
N ASP B 241 -0.46 11.35 -18.10
CA ASP B 241 -0.15 12.22 -16.98
C ASP B 241 1.06 13.11 -17.29
N LEU B 242 2.03 12.55 -18.00
CA LEU B 242 3.25 13.27 -18.41
C LEU B 242 3.19 13.70 -19.87
N SER B 243 2.03 14.17 -20.34
CA SER B 243 1.86 14.51 -21.74
C SER B 243 1.93 16.00 -22.03
N ASN B 244 2.05 16.85 -21.01
CA ASN B 244 2.15 18.29 -21.23
C ASN B 244 3.23 18.68 -22.22
N PRO B 245 4.48 18.18 -22.12
CA PRO B 245 5.50 18.60 -23.09
C PRO B 245 5.30 18.03 -24.50
N THR B 246 4.27 17.23 -24.73
CA THR B 246 3.97 16.71 -26.06
C THR B 246 2.83 17.45 -26.74
N LYS B 247 2.25 18.44 -26.08
CA LYS B 247 1.12 19.19 -26.60
C LYS B 247 1.61 20.40 -27.38
N PRO B 248 0.71 21.12 -28.06
CA PRO B 248 1.12 22.37 -28.70
C PRO B 248 1.73 23.34 -27.70
N LEU B 249 2.68 24.14 -28.20
CA LEU B 249 3.55 24.92 -27.33
C LEU B 249 2.76 25.85 -26.41
N GLN B 250 1.74 26.52 -26.94
CA GLN B 250 0.99 27.47 -26.13
C GLN B 250 0.17 26.79 -25.03
N LEU B 251 -0.12 25.50 -25.17
CA LEU B 251 -0.72 24.74 -24.08
C LEU B 251 0.34 24.29 -23.08
N TYR B 252 1.46 23.76 -23.60
CA TYR B 252 2.58 23.33 -22.77
C TYR B 252 3.04 24.45 -21.84
N ARG B 253 3.12 25.68 -22.36
CA ARG B 253 3.63 26.78 -21.56
C ARG B 253 2.68 27.12 -20.41
N GLN B 254 1.37 26.98 -20.64
CA GLN B 254 0.41 27.23 -19.56
C GLN B 254 0.54 26.18 -18.47
N TRP B 255 0.75 24.91 -18.85
CA TRP B 255 0.97 23.87 -17.85
C TRP B 255 2.25 24.12 -17.08
N THR B 256 3.29 24.61 -17.75
CA THR B 256 4.56 24.90 -17.08
C THR B 256 4.40 26.02 -16.07
N ASP B 257 3.69 27.10 -16.45
CA ASP B 257 3.42 28.17 -15.50
C ASP B 257 2.69 27.66 -14.27
N ARG B 258 1.75 26.73 -14.46
CA ARG B 258 0.92 26.28 -13.34
C ARG B 258 1.70 25.35 -12.40
N ILE B 259 2.53 24.48 -12.95
CA ILE B 259 3.27 23.55 -12.08
C ILE B 259 4.38 24.29 -11.34
N MET B 260 4.97 25.32 -11.95
CA MET B 260 5.99 26.09 -11.25
C MET B 260 5.40 26.94 -10.16
N GLU B 261 4.19 27.46 -10.36
CA GLU B 261 3.50 28.17 -9.28
C GLU B 261 3.20 27.22 -8.11
N GLU B 262 2.87 25.97 -8.41
CA GLU B 262 2.60 25.00 -7.36
C GLU B 262 3.90 24.57 -6.69
N PHE B 263 4.97 24.40 -7.47
CA PHE B 263 6.28 24.07 -6.89
C PHE B 263 6.78 25.19 -5.98
N PHE B 264 6.64 26.45 -6.43
CA PHE B 264 7.13 27.57 -5.64
C PHE B 264 6.36 27.70 -4.33
N ARG B 265 5.05 27.43 -4.35
CA ARG B 265 4.27 27.51 -3.13
C ARG B 265 4.65 26.43 -2.14
N GLN B 266 5.01 25.23 -2.63
CA GLN B 266 5.54 24.22 -1.73
C GLN B 266 6.89 24.64 -1.16
N GLY B 267 7.73 25.27 -1.98
CA GLY B 267 9.02 25.74 -1.48
C GLY B 267 8.87 26.82 -0.43
N ASP B 268 7.86 27.67 -0.56
CA ASP B 268 7.60 28.69 0.45
C ASP B 268 7.23 28.05 1.78
N ARG B 269 6.33 27.07 1.76
CA ARG B 269 5.96 26.38 2.99
C ARG B 269 7.11 25.55 3.53
N GLU B 270 7.90 24.94 2.63
CA GLU B 270 9.13 24.33 3.09
C GLU B 270 10.04 25.36 3.77
N ARG B 271 10.22 26.52 3.13
CA ARG B 271 11.13 27.52 3.68
C ARG B 271 10.61 28.10 5.00
N GLU B 272 9.30 28.33 5.08
CA GLU B 272 8.70 28.86 6.29
C GLU B 272 8.82 27.88 7.45
N ARG B 273 8.90 26.58 7.16
CA ARG B 273 8.97 25.54 8.18
C ARG B 273 10.39 25.05 8.44
N GLY B 274 11.38 25.56 7.71
CA GLY B 274 12.76 25.22 7.99
C GLY B 274 13.24 23.90 7.43
N MET B 275 12.66 23.45 6.33
CA MET B 275 13.03 22.20 5.68
C MET B 275 13.95 22.46 4.50
N GLU B 276 14.69 21.44 4.09
CA GLU B 276 15.45 21.52 2.85
C GLU B 276 14.49 21.62 1.67
N ILE B 277 14.67 22.65 0.85
CA ILE B 277 13.73 22.91 -0.24
C ILE B 277 13.89 21.86 -1.33
N SER B 278 12.76 21.31 -1.78
CA SER B 278 12.76 20.26 -2.78
C SER B 278 13.29 20.79 -4.11
N PRO B 279 13.73 19.89 -5.00
CA PRO B 279 14.19 20.33 -6.32
C PRO B 279 13.12 21.14 -7.05
N MET B 280 13.58 22.19 -7.74
CA MET B 280 12.77 23.07 -8.58
C MET B 280 11.74 23.90 -7.80
N CYS B 281 11.82 23.91 -6.48
CA CYS B 281 10.81 24.56 -5.65
C CYS B 281 11.29 25.87 -5.02
N ASP B 282 12.53 26.28 -5.26
CA ASP B 282 13.07 27.51 -4.69
C ASP B 282 12.88 28.62 -5.71
N LYS B 283 11.92 29.52 -5.44
CA LYS B 283 11.63 30.61 -6.38
C LYS B 283 12.80 31.57 -6.52
N HIS B 284 13.70 31.63 -5.54
CA HIS B 284 14.84 32.53 -5.58
C HIS B 284 16.06 31.92 -6.25
N ASN B 285 15.98 30.66 -6.74
CA ASN B 285 17.15 30.03 -7.34
C ASN B 285 16.77 28.97 -8.36
N ALA B 286 15.61 29.07 -8.99
CA ALA B 286 15.15 28.09 -9.96
C ALA B 286 15.29 28.63 -11.38
N SER B 287 15.63 27.74 -12.30
CA SER B 287 15.64 28.03 -13.73
C SER B 287 14.51 27.22 -14.36
N VAL B 288 13.39 27.90 -14.66
CA VAL B 288 12.21 27.21 -15.19
C VAL B 288 12.54 26.51 -16.49
N GLU B 289 13.37 27.13 -17.33
CA GLU B 289 13.62 26.60 -18.67
C GLU B 289 14.55 25.38 -18.64
N LYS B 290 15.61 25.45 -17.83
CA LYS B 290 16.50 24.29 -17.72
C LYS B 290 15.81 23.10 -17.05
N SER B 291 14.88 23.37 -16.13
CA SER B 291 14.13 22.29 -15.51
C SER B 291 13.24 21.58 -16.53
N GLN B 292 12.65 22.34 -17.46
CA GLN B 292 11.80 21.72 -18.47
C GLN B 292 12.61 20.87 -19.43
N VAL B 293 13.81 21.34 -19.82
CA VAL B 293 14.67 20.53 -20.67
C VAL B 293 15.13 19.28 -19.94
N GLY B 294 15.47 19.40 -18.67
CA GLY B 294 15.83 18.22 -17.88
C GLY B 294 14.65 17.29 -17.68
N PHE B 295 13.46 17.84 -17.49
CA PHE B 295 12.26 17.02 -17.36
C PHE B 295 12.03 16.20 -18.63
N ILE B 296 12.28 16.80 -19.79
CA ILE B 296 12.08 16.10 -21.06
C ILE B 296 13.19 15.08 -21.29
N ASP B 297 14.44 15.49 -21.06
CA ASP B 297 15.56 14.64 -21.42
C ASP B 297 15.62 13.36 -20.58
N TYR B 298 15.37 13.48 -19.28
CA TYR B 298 15.61 12.37 -18.37
C TYR B 298 14.34 11.64 -17.93
N ILE B 299 13.15 12.18 -18.23
CA ILE B 299 11.91 11.56 -17.80
C ILE B 299 10.96 11.38 -18.97
N VAL B 300 10.56 12.50 -19.59
CA VAL B 300 9.43 12.48 -20.52
C VAL B 300 9.81 11.82 -21.84
N HIS B 301 10.96 12.18 -22.41
CA HIS B 301 11.31 11.61 -23.71
C HIS B 301 11.67 10.14 -23.63
N PRO B 302 12.48 9.67 -22.65
CA PRO B 302 12.70 8.21 -22.56
C PRO B 302 11.41 7.44 -22.42
N LEU B 303 10.41 8.00 -21.74
CA LEU B 303 9.11 7.34 -21.65
C LEU B 303 8.39 7.37 -23.00
N TRP B 304 8.30 8.54 -23.62
CA TRP B 304 7.57 8.66 -24.87
C TRP B 304 8.32 8.06 -26.06
N GLU B 305 9.61 7.80 -25.91
CA GLU B 305 10.38 7.12 -26.96
C GLU B 305 10.33 5.61 -26.82
N THR B 306 10.31 5.10 -25.59
CA THR B 306 10.13 3.66 -25.37
C THR B 306 8.72 3.23 -25.75
N TRP B 307 7.73 4.08 -25.44
CA TRP B 307 6.36 3.82 -25.84
C TRP B 307 6.21 3.92 -27.35
N ALA B 308 6.94 4.86 -27.97
CA ALA B 308 6.88 5.01 -29.42
C ALA B 308 7.29 3.72 -30.13
N ASP B 309 8.32 3.04 -29.61
CA ASP B 309 8.72 1.78 -30.22
C ASP B 309 7.67 0.70 -30.01
N LEU B 310 6.96 0.75 -28.87
CA LEU B 310 5.91 -0.23 -28.60
C LEU B 310 4.79 -0.15 -29.63
N VAL B 311 4.39 1.06 -30.02
CA VAL B 311 3.29 1.19 -30.97
C VAL B 311 3.81 1.81 -32.27
N HIS B 312 5.09 1.55 -32.57
CA HIS B 312 5.76 1.96 -33.82
C HIS B 312 4.95 1.54 -35.05
N PRO B 313 4.70 2.48 -35.98
CA PRO B 313 5.10 3.89 -35.90
C PRO B 313 3.95 4.91 -35.82
N ASP B 314 2.93 4.70 -34.99
CA ASP B 314 1.83 5.65 -34.93
C ASP B 314 1.99 6.72 -33.87
N ALA B 315 3.10 6.74 -33.13
CA ALA B 315 3.30 7.75 -32.11
C ALA B 315 4.32 8.81 -32.51
N GLN B 316 4.71 8.86 -33.78
CA GLN B 316 5.82 9.74 -34.18
C GLN B 316 5.42 11.21 -34.14
N ASP B 317 4.19 11.55 -34.53
CA ASP B 317 3.73 12.94 -34.44
C ASP B 317 3.95 13.48 -33.04
N ILE B 318 3.49 12.73 -32.03
CA ILE B 318 3.65 13.15 -30.63
C ILE B 318 5.13 13.21 -30.27
N LEU B 319 5.91 12.22 -30.72
CA LEU B 319 7.34 12.22 -30.44
C LEU B 319 8.05 13.36 -31.15
N ASP B 320 7.57 13.76 -32.33
CA ASP B 320 8.16 14.90 -33.03
C ASP B 320 7.88 16.20 -32.29
N THR B 321 6.63 16.40 -31.88
CA THR B 321 6.26 17.62 -31.15
C THR B 321 7.05 17.74 -29.85
N LEU B 322 7.23 16.63 -29.14
CA LEU B 322 8.02 16.64 -27.91
C LEU B 322 9.44 17.11 -28.18
N GLU B 323 10.03 16.67 -29.30
CA GLU B 323 11.37 17.13 -29.64
C GLU B 323 11.35 18.58 -30.14
N ASP B 324 10.22 19.02 -30.70
CA ASP B 324 10.08 20.42 -31.07
C ASP B 324 10.04 21.32 -29.84
N ASN B 325 9.11 21.03 -28.92
CA ASN B 325 9.00 21.83 -27.71
C ASN B 325 10.26 21.80 -26.87
N ARG B 326 11.02 20.70 -26.94
CA ARG B 326 12.29 20.63 -26.24
C ARG B 326 13.31 21.57 -26.88
N GLU B 327 13.29 21.68 -28.21
CA GLU B 327 14.20 22.59 -28.90
C GLU B 327 13.87 24.04 -28.57
N TRP B 328 12.58 24.37 -28.45
CA TRP B 328 12.20 25.74 -28.15
C TRP B 328 12.61 26.15 -26.74
N TYR B 329 12.38 25.27 -25.75
CA TYR B 329 12.76 25.60 -24.37
C TYR B 329 14.27 25.70 -24.22
N GLN B 330 15.02 24.87 -24.96
CA GLN B 330 16.47 25.01 -24.96
C GLN B 330 16.90 26.34 -25.56
N SER B 331 16.15 26.84 -26.56
CA SER B 331 16.52 28.09 -27.20
C SER B 331 16.27 29.29 -26.29
N THR B 332 15.35 29.17 -25.33
CA THR B 332 15.13 30.23 -24.36
C THR B 332 16.21 30.30 -23.30
N ILE B 333 17.20 29.39 -23.35
CA ILE B 333 18.31 29.38 -22.41
C ILE B 333 19.48 30.13 -23.08
N PRO B 334 19.87 31.32 -22.59
CA PRO B 334 21.06 31.97 -23.12
C PRO B 334 22.33 31.33 -22.56
ZN ZN C . -1.04 -11.58 14.49
MG MG D . -2.26 -9.59 11.67
C1 8G7 E . -4.50 -19.08 11.23
C2 8G7 E . -4.01 -18.92 12.48
C3 8G7 E . -3.32 -16.59 12.07
C7 8G7 E . -4.35 -17.99 10.19
C9 8G7 E . -4.67 -18.27 7.69
C10 8G7 E . -4.45 -19.07 6.43
C12 8G7 E . -4.54 -15.70 12.19
C13 8G7 E . -4.07 -19.97 13.46
C14 8G7 E . -4.68 -21.18 13.08
C15 8G7 E . -4.31 -22.09 15.16
C16 8G7 E . -3.70 -20.93 15.62
C6 8G7 E . -3.15 -17.13 10.66
C5 8G7 E . -2.16 -15.13 13.84
C4 8G7 E . -2.05 -15.88 12.54
O 8G7 E . -5.69 -20.51 9.77
C 8G7 E . -5.14 -20.33 10.86
N1 8G7 E . -5.20 -21.33 11.81
C18 8G7 E . -5.83 -22.58 11.42
N 8G7 E . -4.79 -22.23 13.92
C17 8G7 E . -3.58 -19.86 14.76
O1 8G7 E . -3.46 -17.77 12.95
O2 8G7 E . -2.44 -13.75 13.62
C8 8G7 E . -4.04 -18.55 8.82
C11 8G7 E . -5.67 -17.16 7.56
ZN ZN F . -1.72 13.80 -12.44
MG MG G . -0.92 12.42 -9.23
C1 8G7 H . 6.47 17.08 -12.82
C2 8G7 H . 5.36 17.35 -13.54
C3 8G7 H . 3.99 15.76 -12.28
C7 8G7 H . 6.49 15.93 -11.83
C9 8G7 H . 8.67 14.93 -10.98
C10 8G7 H . 8.35 15.08 -9.52
C12 8G7 H . 3.62 16.39 -10.95
C13 8G7 H . 5.36 18.37 -14.56
C14 8G7 H . 6.54 19.09 -14.78
C15 8G7 H . 5.57 20.30 -16.46
C16 8G7 H . 4.37 19.65 -16.33
C6 8G7 H . 5.31 15.01 -12.23
C5 8G7 H . 1.54 15.52 -13.05
C4 8G7 H . 2.87 14.85 -12.80
O 8G7 H . 8.69 17.72 -12.33
C 8G7 H . 7.68 17.85 -13.02
N1 8G7 H . 7.65 18.83 -14.01
C18 8G7 H . 8.88 19.60 -14.22
N 8G7 H . 6.65 20.04 -15.71
C17 8G7 H . 4.25 18.66 -15.36
O1 8G7 H . 4.14 16.79 -13.33
O2 8G7 H . 0.54 15.02 -12.16
C8 8G7 H . 7.77 15.14 -11.93
C11 8G7 H . 10.09 14.54 -11.28
#